data_3C7N
#
_entry.id   3C7N
#
_cell.length_a   123.533
_cell.length_b   169.501
_cell.length_c   87.724
_cell.angle_alpha   90.000
_cell.angle_beta   90.000
_cell.angle_gamma   90.000
#
_symmetry.space_group_name_H-M   'P 21 21 2'
#
loop_
_entity.id
_entity.type
_entity.pdbx_description
1 polymer 'Heat shock protein homolog SSE1'
2 polymer 'Heat shock cognate'
3 non-polymer 'MAGNESIUM ION'
4 non-polymer 'SULFATE ION'
5 non-polymer 'BERYLLIUM TRIFLUORIDE ION'
6 non-polymer "ADENOSINE-5'-DIPHOSPHATE"
7 non-polymer 'CHLORIDE ION'
#
loop_
_entity_poly.entity_id
_entity_poly.type
_entity_poly.pdbx_seq_one_letter_code
_entity_poly.pdbx_strand_id
1 'polypeptide(L)'
;GPMSTPFGLDLGNNNSVLAVARNRGIDIVVNEVSNRSTPSVVGFGPKNRYLGETGKNKQTSNIKNTVANLKRIIGLDYHH
PDFEQESKHFTSKLVELDDKKTGAEVRFAGEKHVFSATQLAAMFIDKVKDTVKQDTKANITDVCIAVPPWYTEEQRYNIA
DAARIAGLNPVRIVNDVTAAGVSYGIFKTDLPEGEEKPRIVAFVDIGHSSYTCSIMAFKKGQLKVLGTACDKHFGGRDFD
LAITEHFADEFKTKYKIDIRENPKAYNRILTAAEKLKKVLSANTNAPFSVESVMNDVDVSSQLSREELEELVKPLLERVT
EPVTKALAQAKLSAEEVDFVEIIGGTTRIPTLKQSISEAFGKPLSTTLNQDEAIAKGAAFICAIHSPTLRVRPFKFEDIH
PYSVSYSWDKQVEDEDHMEVFPAGSSFPSTKLITLNRTGDFSMAASYTDITQLPPNTPEQIANWEITGVQLPEGQDSVPV
KLKLRCDPSGLHTIEEAYTIEDIEVEEPIPLPEDAPEDAEQEFKKVTKTVKKDDLTIVAHTFGLDAKKLNELIEKENEML
AQDKLVAETEDRKNTLEEYIYTLRGKLEEEYAPFASDAEKTKLQGMLNKAEEWLYDEGFDSIKAKYIAKYEELASLGNII
RGRYLAKEEEKKQAIRSKQEASQMAAMA
;
A
2 'polypeptide(L)'
;MSKGPAVGIDLGTTYSCVGVFQHGKVEIIANDQGNRTTPSYVAFTDTERLIGDAAKNQVAMNPTNTVFDAKRLIGRRFDD
AVVQSDMKHWPFMVVNDAGRPKVQVEYKGETKSFYPEEVSSMVLTKMKEIAEAYLGKTVTNAVVTVPAYFNDSQRQATKD
AGTIAGLNVLRIINEPTAAAIAYGLDKKVGAERNVLIFDLGGGTFDVSILTIEDGIFEVKSTAGDTHLGGEDFDNRMVNH
FIAEFKRKHKKDISENKRAVRRLRTACERAKRTLSSSTQASIEIDSLYEGIDFYTSITRARFEELNADLFRGTLDPVEKA
LRDAKLDKSQIHDIVLVGGSTRIPKIQKLLQDFFNGKELNKSINPDEAVAYGAAVQAAILSGDKSENVQDLLLLDVTPLS
LGIETAGGVMTVLIKRNTTIPTKQTQTFTTYSDNQPGVLIQVYEGERAMTKDNNLLGKFELTGIPPAPRGVPQIEVTFDI
DANGILNVSAVDKSTGKENKITITNDKGRLSKEDIERMVQEAEKYKAEDEKQRDKVSSKNSLESYAFNMKATVE
;
B
#
loop_
_chem_comp.id
_chem_comp.type
_chem_comp.name
_chem_comp.formula
ADP non-polymer ADENOSINE-5'-DIPHOSPHATE 'C10 H15 N5 O10 P2'
BEF non-polymer 'BERYLLIUM TRIFLUORIDE ION' 'Be F3 -1'
CL non-polymer 'CHLORIDE ION' 'Cl -1'
MG non-polymer 'MAGNESIUM ION' 'Mg 2'
SO4 non-polymer 'SULFATE ION' 'O4 S -2'
#
# COMPACT_ATOMS: atom_id res chain seq x y z
N MET A 3 7.94 8.85 -15.17
CA MET A 3 8.21 7.58 -14.50
C MET A 3 7.74 7.58 -13.03
N SER A 4 6.42 7.61 -12.84
CA SER A 4 5.85 7.60 -11.49
C SER A 4 4.87 6.45 -11.26
N THR A 5 4.70 6.10 -9.98
CA THR A 5 4.03 4.85 -9.61
C THR A 5 2.49 4.90 -9.54
N PRO A 6 1.84 3.84 -10.05
CA PRO A 6 0.39 3.68 -9.91
C PRO A 6 0.04 3.36 -8.45
N PHE A 7 -0.92 4.11 -7.92
CA PHE A 7 -1.30 3.97 -6.53
C PHE A 7 -2.81 3.71 -6.52
N GLY A 8 -3.21 2.57 -5.98
CA GLY A 8 -4.62 2.29 -5.75
C GLY A 8 -4.91 2.41 -4.26
N LEU A 9 -6.02 3.02 -3.90
CA LEU A 9 -6.33 3.24 -2.49
C LEU A 9 -7.65 2.60 -2.21
N ASP A 10 -7.76 1.83 -1.13
CA ASP A 10 -9.03 1.25 -0.74
C ASP A 10 -9.57 2.02 0.42
N LEU A 11 -10.47 2.96 0.15
CA LEU A 11 -10.90 3.94 1.16
C LEU A 11 -12.07 3.43 2.00
N GLY A 12 -11.76 2.45 2.86
CA GLY A 12 -12.73 1.78 3.72
C GLY A 12 -13.08 2.68 4.88
N ASN A 13 -14.28 2.54 5.44
CA ASN A 13 -14.81 3.46 6.46
C ASN A 13 -14.01 3.48 7.77
N ASN A 14 -13.49 2.32 8.14
CA ASN A 14 -12.63 2.10 9.32
C ASN A 14 -11.14 2.34 9.04
N ASN A 15 -10.67 1.74 7.97
CA ASN A 15 -9.28 1.89 7.57
C ASN A 15 -9.04 1.71 6.07
N SER A 16 -8.07 2.46 5.55
CA SER A 16 -7.65 2.36 4.16
C SER A 16 -6.45 1.44 3.93
N VAL A 17 -6.42 0.77 2.79
CA VAL A 17 -5.22 -0.01 2.43
C VAL A 17 -4.60 0.53 1.18
N LEU A 18 -3.37 1.03 1.30
CA LEU A 18 -2.60 1.58 0.17
C LEU A 18 -1.82 0.50 -0.57
N ALA A 19 -2.03 0.37 -1.89
CA ALA A 19 -1.23 -0.56 -2.70
C ALA A 19 -0.54 0.17 -3.84
N VAL A 20 0.63 -0.30 -4.28
CA VAL A 20 1.26 0.30 -5.46
C VAL A 20 1.72 -0.73 -6.50
N ALA A 21 1.66 -0.37 -7.78
CA ALA A 21 2.13 -1.28 -8.83
C ALA A 21 3.59 -0.95 -9.18
N ARG A 22 4.47 -1.95 -9.06
CA ARG A 22 5.92 -1.71 -9.08
C ARG A 22 6.75 -3.00 -9.00
N ASN A 23 7.94 -2.98 -9.62
CA ASN A 23 8.77 -4.19 -9.72
C ASN A 23 7.98 -5.36 -10.32
N ARG A 24 7.19 -5.02 -11.32
CA ARG A 24 6.38 -5.96 -12.10
C ARG A 24 5.33 -6.79 -11.28
N GLY A 25 4.81 -6.17 -10.22
CA GLY A 25 3.82 -6.77 -9.33
C GLY A 25 3.12 -5.71 -8.50
N ILE A 26 2.25 -6.12 -7.59
CA ILE A 26 1.56 -5.17 -6.72
C ILE A 26 1.87 -5.45 -5.26
N ASP A 27 2.46 -4.47 -4.59
CA ASP A 27 2.79 -4.60 -3.18
C ASP A 27 1.86 -3.71 -2.39
N ILE A 28 1.75 -4.00 -1.10
CA ILE A 28 1.01 -3.15 -0.19
C ILE A 28 2.05 -2.23 0.47
N VAL A 29 1.66 -1.00 0.82
CA VAL A 29 2.57 -0.08 1.49
C VAL A 29 2.28 -0.05 2.99
N VAL A 30 3.28 -0.32 3.85
CA VAL A 30 3.09 -0.17 5.30
C VAL A 30 3.36 1.26 5.77
N ASN A 31 2.65 1.74 6.78
CA ASN A 31 2.83 3.13 7.18
C ASN A 31 3.87 3.37 8.28
N GLU A 32 3.85 4.59 8.84
CA GLU A 32 4.85 5.01 9.84
C GLU A 32 4.89 4.11 11.08
N VAL A 33 3.74 3.63 11.55
CA VAL A 33 3.70 2.73 12.69
C VAL A 33 3.71 1.23 12.25
N SER A 34 4.11 1.03 10.99
CA SER A 34 4.34 -0.30 10.42
C SER A 34 3.08 -1.18 10.23
N ASN A 35 1.90 -0.57 10.26
CA ASN A 35 0.67 -1.31 10.06
C ASN A 35 0.38 -1.31 8.58
N ARG A 36 -0.34 -2.33 8.11
CA ARG A 36 -0.58 -2.50 6.68
C ARG A 36 -1.85 -1.78 6.23
N SER A 37 -2.50 -1.09 7.18
CA SER A 37 -3.65 -0.23 6.88
C SER A 37 -3.74 0.98 7.80
N THR A 38 -3.75 2.18 7.21
CA THR A 38 -4.04 3.42 7.97
C THR A 38 -5.52 3.51 8.41
N PRO A 39 -5.79 4.06 9.60
CA PRO A 39 -7.16 4.35 10.05
C PRO A 39 -7.76 5.58 9.36
N SER A 40 -8.97 5.43 8.85
CA SER A 40 -9.54 6.47 8.03
C SER A 40 -10.09 7.56 8.92
N VAL A 41 -9.20 8.16 9.71
CA VAL A 41 -9.57 9.22 10.65
C VAL A 41 -8.83 10.49 10.33
N VAL A 42 -9.61 11.59 10.29
CA VAL A 42 -9.03 12.94 10.29
C VAL A 42 -9.37 13.67 11.59
N GLY A 43 -8.35 14.16 12.27
CA GLY A 43 -8.52 14.87 13.51
C GLY A 43 -7.70 16.14 13.53
N PHE A 44 -8.11 17.07 14.41
CA PHE A 44 -7.55 18.41 14.40
C PHE A 44 -6.96 18.84 15.75
N GLY A 45 -5.69 19.24 15.74
CA GLY A 45 -5.02 19.71 16.94
C GLY A 45 -5.27 21.19 17.24
N PRO A 46 -4.33 21.85 17.94
CA PRO A 46 -4.36 23.29 18.18
C PRO A 46 -3.13 23.95 17.55
N LYS A 47 -2.41 23.17 16.76
CA LYS A 47 -1.15 23.63 16.21
C LYS A 47 -0.87 22.90 14.89
N ASN A 48 -1.56 21.78 14.71
CA ASN A 48 -1.51 20.96 13.48
C ASN A 48 -2.73 20.02 13.34
N ARG A 49 -2.75 19.21 12.28
CA ARG A 49 -3.80 18.19 12.10
C ARG A 49 -3.25 16.82 12.42
N TYR A 50 -4.11 15.97 12.97
CA TYR A 50 -3.73 14.58 13.24
C TYR A 50 -4.38 13.67 12.17
N LEU A 51 -3.55 13.17 11.26
CA LEU A 51 -4.01 12.58 10.02
C LEU A 51 -3.73 11.10 9.91
N GLY A 52 -4.78 10.31 9.79
CA GLY A 52 -4.58 8.88 9.62
C GLY A 52 -4.21 8.22 10.92
N GLU A 53 -2.99 7.66 10.98
CA GLU A 53 -2.59 6.89 12.17
C GLU A 53 -2.67 7.68 13.49
N THR A 54 -2.11 8.90 13.50
CA THR A 54 -2.17 9.80 14.67
C THR A 54 -3.60 10.09 15.12
N GLY A 55 -4.43 10.56 14.21
CA GLY A 55 -5.83 10.82 14.51
C GLY A 55 -6.43 9.79 15.45
N LYS A 56 -6.17 8.51 15.19
CA LYS A 56 -6.73 7.43 16.02
C LYS A 56 -6.24 7.50 17.47
N ASN A 57 -4.95 7.75 17.68
CA ASN A 57 -4.47 7.87 19.04
C ASN A 57 -5.41 8.79 19.82
N LYS A 58 -5.36 10.07 19.45
CA LYS A 58 -6.19 11.16 19.95
C LYS A 58 -7.70 10.89 20.05
N GLN A 59 -8.21 9.88 19.36
CA GLN A 59 -9.62 9.52 19.45
C GLN A 59 -10.25 9.83 20.82
N THR A 60 -9.47 9.70 21.89
CA THR A 60 -10.04 9.80 23.23
C THR A 60 -9.79 11.17 23.89
N SER A 61 -8.61 11.73 23.66
CA SER A 61 -8.32 13.13 24.03
C SER A 61 -9.15 14.12 23.20
N ASN A 62 -9.01 13.98 21.89
CA ASN A 62 -9.47 14.95 20.91
C ASN A 62 -10.84 14.60 20.39
N ILE A 63 -11.54 13.74 21.14
CA ILE A 63 -12.81 13.17 20.69
C ILE A 63 -13.70 14.17 19.93
N LYS A 64 -13.74 15.41 20.39
CA LYS A 64 -14.61 16.41 19.74
C LYS A 64 -14.11 16.93 18.38
N ASN A 65 -12.79 17.09 18.22
CA ASN A 65 -12.21 17.47 16.93
C ASN A 65 -11.62 16.29 16.17
N THR A 66 -12.22 15.12 16.35
CA THR A 66 -11.86 13.95 15.58
C THR A 66 -13.02 13.52 14.67
N VAL A 67 -12.72 13.48 13.36
CA VAL A 67 -13.68 13.14 12.31
C VAL A 67 -13.35 11.80 11.63
N ALA A 68 -14.20 10.81 11.81
CA ALA A 68 -14.13 9.58 11.03
C ALA A 68 -15.42 9.39 10.24
N ASN A 69 -15.64 8.18 9.71
CA ASN A 69 -16.76 7.97 8.78
C ASN A 69 -16.60 8.83 7.55
N LEU A 70 -15.36 9.24 7.26
CA LEU A 70 -15.05 10.08 6.11
C LEU A 70 -15.91 9.78 4.88
N LYS A 71 -15.93 8.50 4.49
CA LYS A 71 -16.55 8.07 3.22
C LYS A 71 -18.08 8.11 3.23
N ARG A 72 -18.69 8.19 4.40
CA ARG A 72 -20.13 8.23 4.43
C ARG A 72 -20.78 9.61 4.43
N ILE A 73 -20.03 10.66 4.73
CA ILE A 73 -20.59 12.01 4.67
C ILE A 73 -20.36 12.70 3.33
N ILE A 74 -19.63 12.01 2.44
CA ILE A 74 -19.45 12.49 1.07
C ILE A 74 -20.81 12.55 0.37
N GLY A 75 -21.15 13.71 -0.18
CA GLY A 75 -22.41 13.85 -0.90
C GLY A 75 -23.67 13.63 -0.07
N LEU A 76 -23.51 13.37 1.21
CA LEU A 76 -24.64 13.25 2.14
C LEU A 76 -25.44 14.57 2.24
N ASP A 77 -26.72 14.51 1.84
CA ASP A 77 -27.60 15.67 1.91
C ASP A 77 -27.93 15.91 3.38
N TYR A 78 -27.73 17.15 3.84
CA TYR A 78 -27.84 17.44 5.28
C TYR A 78 -29.19 17.07 5.86
N HIS A 79 -30.21 17.12 5.02
CA HIS A 79 -31.56 16.85 5.47
C HIS A 79 -32.04 15.47 5.08
N HIS A 80 -31.19 14.73 4.39
CA HIS A 80 -31.46 13.34 4.02
C HIS A 80 -32.23 12.63 5.14
N PRO A 81 -33.35 11.99 4.77
CA PRO A 81 -34.23 11.23 5.68
C PRO A 81 -33.51 10.19 6.56
N ASP A 82 -32.22 9.99 6.34
CA ASP A 82 -31.44 8.96 7.06
C ASP A 82 -30.22 9.53 7.77
N PHE A 83 -30.01 10.84 7.67
CA PHE A 83 -28.88 11.51 8.32
C PHE A 83 -28.66 10.89 9.68
N GLU A 84 -29.76 10.68 10.38
CA GLU A 84 -29.80 9.92 11.63
C GLU A 84 -28.80 8.74 11.71
N GLN A 85 -28.91 7.84 10.74
CA GLN A 85 -28.15 6.61 10.71
C GLN A 85 -26.66 6.90 10.59
N GLU A 86 -26.30 8.05 10.03
CA GLU A 86 -24.89 8.35 9.84
C GLU A 86 -24.30 9.02 11.07
N SER A 87 -24.98 10.05 11.55
CA SER A 87 -24.49 10.83 12.69
C SER A 87 -24.52 10.02 13.99
N LYS A 88 -25.48 9.10 14.07
CA LYS A 88 -25.49 8.04 15.07
C LYS A 88 -24.05 7.63 15.41
N HIS A 89 -23.22 7.52 14.38
CA HIS A 89 -21.85 6.99 14.49
C HIS A 89 -20.78 8.06 14.63
N PHE A 90 -21.18 9.33 14.65
CA PHE A 90 -20.23 10.44 14.75
C PHE A 90 -19.89 10.88 16.18
N THR A 91 -19.06 11.90 16.27
CA THR A 91 -18.43 12.23 17.53
C THR A 91 -18.12 13.73 17.56
N SER A 92 -17.87 14.29 16.38
CA SER A 92 -17.72 15.73 16.20
C SER A 92 -19.06 16.23 15.71
N LYS A 93 -19.37 17.51 15.90
CA LYS A 93 -20.67 18.00 15.47
C LYS A 93 -20.77 18.18 13.95
N LEU A 94 -21.85 17.66 13.37
CA LEU A 94 -22.12 17.85 11.93
C LEU A 94 -23.10 18.99 11.68
N VAL A 95 -22.83 19.80 10.67
CA VAL A 95 -23.61 20.97 10.40
C VAL A 95 -23.96 21.00 8.90
N GLU A 96 -25.06 21.67 8.52
CA GLU A 96 -25.43 21.84 7.11
C GLU A 96 -24.52 22.87 6.42
N LEU A 97 -24.36 22.77 5.11
CA LEU A 97 -23.50 23.72 4.40
C LEU A 97 -24.34 24.57 3.44
N ASP A 98 -23.68 25.38 2.61
CA ASP A 98 -24.37 26.24 1.65
C ASP A 98 -25.12 25.38 0.67
N ASP A 99 -24.49 24.27 0.32
CA ASP A 99 -25.02 23.33 -0.65
C ASP A 99 -26.05 22.35 -0.07
N LYS A 100 -26.44 22.58 1.17
CA LYS A 100 -27.37 21.69 1.87
C LYS A 100 -26.73 20.34 2.23
N LYS A 101 -25.41 20.25 2.03
CA LYS A 101 -24.63 19.02 2.28
C LYS A 101 -23.96 18.99 3.65
N THR A 102 -23.51 17.81 4.07
CA THR A 102 -22.98 17.66 5.41
C THR A 102 -21.50 18.01 5.52
N GLY A 103 -21.11 18.45 6.71
CA GLY A 103 -19.76 18.93 6.98
C GLY A 103 -19.47 18.87 8.47
N ALA A 104 -18.28 19.29 8.86
CA ALA A 104 -17.88 19.13 10.25
C ALA A 104 -17.32 20.39 10.89
N GLU A 105 -17.73 20.57 12.15
CA GLU A 105 -17.26 21.67 12.98
C GLU A 105 -16.21 21.14 13.97
N VAL A 106 -15.03 21.77 13.96
CA VAL A 106 -13.92 21.31 14.76
C VAL A 106 -13.10 22.48 15.31
N ARG A 107 -12.65 22.35 16.56
CA ARG A 107 -11.77 23.33 17.16
C ARG A 107 -10.36 23.03 16.65
N PHE A 108 -9.79 23.95 15.88
CA PHE A 108 -8.58 23.65 15.13
C PHE A 108 -7.76 24.89 14.84
N ALA A 109 -6.46 24.82 15.12
CA ALA A 109 -5.57 26.00 15.15
C ALA A 109 -6.15 27.18 15.97
N GLY A 110 -6.71 26.83 17.14
CA GLY A 110 -7.36 27.77 18.05
C GLY A 110 -8.84 27.98 17.81
N GLU A 111 -9.16 28.30 16.56
CA GLU A 111 -10.51 28.66 16.11
C GLU A 111 -11.50 27.51 15.82
N LYS A 112 -12.79 27.84 15.77
CA LYS A 112 -13.75 27.01 15.04
C LYS A 112 -13.37 26.96 13.57
N HIS A 113 -13.51 25.79 12.94
CA HIS A 113 -13.43 25.67 11.48
C HIS A 113 -14.59 24.81 10.96
N VAL A 114 -15.08 25.09 9.75
CA VAL A 114 -16.03 24.17 9.12
C VAL A 114 -15.48 23.64 7.80
N PHE A 115 -15.44 22.31 7.69
CA PHE A 115 -14.92 21.57 6.53
C PHE A 115 -15.97 20.65 5.88
N SER A 116 -15.98 20.60 4.55
CA SER A 116 -16.94 19.74 3.86
C SER A 116 -16.40 18.32 3.79
N ALA A 117 -17.28 17.33 3.63
CA ALA A 117 -16.85 15.94 3.54
C ALA A 117 -15.83 15.73 2.42
N THR A 118 -15.97 16.50 1.35
CA THR A 118 -15.04 16.49 0.22
C THR A 118 -13.67 16.95 0.65
N GLN A 119 -13.65 17.88 1.58
CA GLN A 119 -12.43 18.59 1.98
C GLN A 119 -11.70 17.82 3.09
N LEU A 120 -12.52 17.16 3.90
CA LEU A 120 -12.10 16.27 4.96
C LEU A 120 -11.48 15.06 4.33
N ALA A 121 -12.15 14.52 3.32
CA ALA A 121 -11.64 13.34 2.61
C ALA A 121 -10.38 13.70 1.81
N ALA A 122 -10.26 14.95 1.43
CA ALA A 122 -9.08 15.36 0.70
C ALA A 122 -7.88 15.32 1.66
N MET A 123 -8.15 15.64 2.93
CA MET A 123 -7.14 15.71 3.99
C MET A 123 -6.48 14.34 4.25
N PHE A 124 -7.32 13.32 4.42
CA PHE A 124 -6.84 11.97 4.67
C PHE A 124 -6.04 11.45 3.50
N ILE A 125 -6.62 11.52 2.31
CA ILE A 125 -5.98 11.12 1.05
C ILE A 125 -4.59 11.72 0.85
N ASP A 126 -4.43 12.96 1.27
CA ASP A 126 -3.12 13.63 1.22
C ASP A 126 -2.13 12.90 2.13
N LYS A 127 -2.54 12.61 3.36
CA LYS A 127 -1.71 11.89 4.30
C LYS A 127 -1.21 10.59 3.71
N VAL A 128 -2.15 9.74 3.29
CA VAL A 128 -1.79 8.44 2.70
C VAL A 128 -1.01 8.60 1.40
N LYS A 129 -1.26 9.68 0.66
CA LYS A 129 -0.50 9.94 -0.56
C LYS A 129 0.97 10.09 -0.18
N ASP A 130 1.16 10.76 0.94
CA ASP A 130 2.46 10.96 1.53
C ASP A 130 2.96 9.62 2.07
N THR A 131 2.17 8.93 2.88
CA THR A 131 2.56 7.59 3.30
C THR A 131 3.21 6.85 2.12
N VAL A 132 2.55 6.84 0.96
CA VAL A 132 3.08 6.12 -0.20
C VAL A 132 4.29 6.79 -0.86
N LYS A 133 4.27 8.12 -0.93
CA LYS A 133 5.38 8.89 -1.49
C LYS A 133 6.71 8.48 -0.84
N GLN A 134 6.68 8.29 0.47
CA GLN A 134 7.89 8.07 1.23
C GLN A 134 8.41 6.67 1.15
N ASP A 135 7.48 5.74 0.96
CA ASP A 135 7.79 4.33 0.89
C ASP A 135 8.28 4.02 -0.52
N THR A 136 7.70 4.71 -1.50
CA THR A 136 8.16 4.57 -2.88
C THR A 136 9.43 5.37 -3.18
N LYS A 137 9.65 6.44 -2.41
CA LYS A 137 10.80 7.32 -2.62
C LYS A 137 10.60 7.99 -3.96
N ALA A 138 9.51 7.59 -4.62
CA ALA A 138 9.23 8.01 -6.00
C ALA A 138 8.03 8.95 -6.10
N ASN A 139 7.61 9.23 -7.34
CA ASN A 139 6.60 10.24 -7.65
C ASN A 139 5.17 9.65 -7.75
N ILE A 140 4.17 10.39 -7.24
CA ILE A 140 2.81 9.89 -7.12
C ILE A 140 1.75 10.87 -7.66
N THR A 141 1.07 10.48 -8.74
CA THR A 141 0.10 11.38 -9.37
C THR A 141 -1.26 10.73 -9.64
N ASP A 142 -1.23 9.63 -10.38
CA ASP A 142 -2.45 8.92 -10.72
C ASP A 142 -2.88 8.12 -9.50
N VAL A 143 -4.19 8.12 -9.23
CA VAL A 143 -4.80 7.29 -8.18
C VAL A 143 -6.07 6.57 -8.66
N CYS A 144 -6.26 5.31 -8.32
CA CYS A 144 -7.56 4.70 -8.52
C CYS A 144 -8.15 4.43 -7.16
N ILE A 145 -9.31 4.98 -6.87
CA ILE A 145 -9.89 4.81 -5.53
C ILE A 145 -11.08 3.86 -5.48
N ALA A 146 -11.18 3.05 -4.43
CA ALA A 146 -12.35 2.15 -4.28
C ALA A 146 -13.50 2.61 -3.34
N VAL A 147 -14.74 2.55 -3.85
CA VAL A 147 -15.93 2.99 -3.11
C VAL A 147 -17.01 1.90 -3.08
N PRO A 148 -17.95 2.02 -2.14
CA PRO A 148 -19.09 1.09 -2.15
C PRO A 148 -19.84 1.19 -3.45
N PRO A 149 -20.28 0.05 -4.01
CA PRO A 149 -21.11 0.08 -5.22
C PRO A 149 -22.32 0.99 -5.06
N TRP A 150 -22.79 1.17 -3.83
CA TRP A 150 -23.93 2.04 -3.54
C TRP A 150 -23.72 3.55 -3.73
N TYR A 151 -22.48 4.01 -3.62
CA TYR A 151 -22.16 5.39 -3.94
C TYR A 151 -22.93 5.91 -5.18
N THR A 152 -23.44 7.14 -5.09
CA THR A 152 -24.18 7.77 -6.20
C THR A 152 -23.29 8.49 -7.20
N GLU A 153 -23.84 8.82 -8.37
CA GLU A 153 -22.98 9.40 -9.36
C GLU A 153 -22.40 10.71 -8.85
N GLU A 154 -23.11 11.32 -7.89
CA GLU A 154 -22.62 12.50 -7.19
C GLU A 154 -21.37 12.13 -6.37
N GLN A 155 -21.55 11.22 -5.40
CA GLN A 155 -20.47 10.96 -4.48
C GLN A 155 -19.23 10.45 -5.20
N ARG A 156 -19.44 9.88 -6.38
CA ARG A 156 -18.31 9.40 -7.16
C ARG A 156 -17.49 10.59 -7.63
N TYR A 157 -18.20 11.68 -7.91
CA TYR A 157 -17.59 12.89 -8.42
C TYR A 157 -16.89 13.58 -7.28
N ASN A 158 -17.55 13.59 -6.12
CA ASN A 158 -17.04 14.29 -4.95
C ASN A 158 -15.73 13.72 -4.48
N ILE A 159 -15.71 12.39 -4.35
CA ILE A 159 -14.54 11.69 -3.83
C ILE A 159 -13.38 11.77 -4.82
N ALA A 160 -13.73 11.99 -6.08
CA ALA A 160 -12.73 12.22 -7.12
C ALA A 160 -12.13 13.64 -6.96
N ASP A 161 -13.00 14.62 -6.74
CA ASP A 161 -12.59 16.00 -6.49
C ASP A 161 -11.77 16.13 -5.20
N ALA A 162 -12.08 15.26 -4.23
CA ALA A 162 -11.25 15.11 -3.06
C ALA A 162 -9.82 14.83 -3.52
N ALA A 163 -9.66 13.75 -4.28
CA ALA A 163 -8.35 13.33 -4.72
C ALA A 163 -7.57 14.47 -5.33
N ARG A 164 -8.31 15.41 -5.92
CA ARG A 164 -7.69 16.51 -6.67
C ARG A 164 -7.09 17.58 -5.74
N ILE A 165 -7.85 17.92 -4.70
CA ILE A 165 -7.40 18.76 -3.58
C ILE A 165 -6.08 18.29 -2.95
N ALA A 166 -6.00 16.98 -2.67
CA ALA A 166 -4.78 16.36 -2.17
C ALA A 166 -3.85 16.04 -3.34
N GLY A 167 -4.12 16.70 -4.46
CA GLY A 167 -3.15 16.82 -5.53
C GLY A 167 -2.86 15.56 -6.31
N LEU A 168 -3.77 14.59 -6.23
CA LEU A 168 -3.71 13.42 -7.10
C LEU A 168 -4.76 13.47 -8.20
N ASN A 169 -4.40 12.95 -9.36
CA ASN A 169 -5.31 12.86 -10.48
C ASN A 169 -5.99 11.47 -10.54
N PRO A 170 -7.33 11.42 -10.31
CA PRO A 170 -8.09 10.17 -10.13
C PRO A 170 -8.34 9.38 -11.42
N VAL A 171 -7.40 8.54 -11.86
CA VAL A 171 -7.62 7.82 -13.11
C VAL A 171 -8.91 7.04 -13.10
N ARG A 172 -9.36 6.60 -11.94
CA ARG A 172 -10.66 5.95 -11.92
C ARG A 172 -11.28 5.78 -10.54
N ILE A 173 -12.59 5.98 -10.46
CA ILE A 173 -13.31 5.62 -9.26
C ILE A 173 -13.93 4.26 -9.55
N VAL A 174 -13.59 3.28 -8.73
CA VAL A 174 -13.93 1.90 -9.00
C VAL A 174 -14.85 1.36 -7.89
N ASN A 175 -15.82 0.53 -8.25
CA ASN A 175 -16.58 -0.16 -7.22
C ASN A 175 -15.69 -1.17 -6.55
N ASP A 176 -15.57 -1.04 -5.23
CA ASP A 176 -14.62 -1.84 -4.49
C ASP A 176 -14.73 -3.32 -4.80
N VAL A 177 -15.82 -3.99 -4.44
CA VAL A 177 -15.86 -5.45 -4.63
C VAL A 177 -15.46 -5.88 -6.07
N THR A 178 -15.65 -4.98 -7.03
CA THR A 178 -15.18 -5.21 -8.39
C THR A 178 -13.64 -5.14 -8.47
N ALA A 179 -13.02 -4.22 -7.75
CA ALA A 179 -11.56 -4.25 -7.58
C ALA A 179 -11.09 -5.58 -6.98
N ALA A 180 -11.87 -6.16 -6.06
CA ALA A 180 -11.54 -7.50 -5.56
C ALA A 180 -11.70 -8.55 -6.66
N GLY A 181 -12.73 -8.40 -7.49
CA GLY A 181 -12.92 -9.22 -8.68
C GLY A 181 -11.74 -9.15 -9.64
N VAL A 182 -11.23 -7.97 -9.93
CA VAL A 182 -10.02 -7.88 -10.76
C VAL A 182 -8.85 -8.58 -10.07
N SER A 183 -8.72 -8.38 -8.76
CA SER A 183 -7.71 -9.16 -8.05
C SER A 183 -7.87 -10.61 -8.45
N TYR A 184 -9.03 -11.15 -8.14
CA TYR A 184 -9.31 -12.54 -8.39
C TYR A 184 -8.94 -12.92 -9.81
N GLY A 185 -9.51 -12.19 -10.78
CA GLY A 185 -9.32 -12.51 -12.18
C GLY A 185 -7.89 -12.53 -12.66
N ILE A 186 -7.08 -11.55 -12.24
CA ILE A 186 -5.72 -11.44 -12.75
C ILE A 186 -4.70 -12.37 -12.09
N PHE A 187 -5.03 -12.88 -10.88
CA PHE A 187 -4.19 -13.89 -10.20
C PHE A 187 -4.59 -15.38 -10.39
N LYS A 188 -5.77 -15.81 -9.92
CA LYS A 188 -6.19 -17.21 -10.12
C LYS A 188 -5.76 -17.73 -11.53
N THR A 189 -5.39 -19.02 -11.60
CA THR A 189 -4.53 -19.48 -12.70
C THR A 189 -5.10 -20.42 -13.75
N ASP A 190 -6.19 -21.13 -13.45
CA ASP A 190 -6.86 -21.76 -14.57
C ASP A 190 -8.35 -21.50 -14.62
N LEU A 191 -8.67 -20.24 -14.90
CA LEU A 191 -10.02 -19.85 -15.18
C LEU A 191 -10.35 -20.49 -16.52
N PRO A 192 -11.65 -20.57 -16.83
CA PRO A 192 -12.11 -21.18 -18.08
C PRO A 192 -11.56 -20.43 -19.31
N GLU A 193 -11.54 -21.10 -20.45
CA GLU A 193 -11.08 -20.47 -21.68
C GLU A 193 -12.20 -19.61 -22.16
N GLY A 194 -11.89 -18.59 -22.96
CA GLY A 194 -12.90 -17.72 -23.49
C GLY A 194 -14.04 -18.50 -24.13
N GLU A 195 -13.73 -19.61 -24.80
CA GLU A 195 -14.74 -20.42 -25.49
C GLU A 195 -15.51 -21.39 -24.61
N GLU A 196 -15.15 -21.44 -23.31
CA GLU A 196 -15.79 -22.34 -22.34
C GLU A 196 -16.82 -21.58 -21.50
N LYS A 197 -17.65 -22.28 -20.71
CA LYS A 197 -18.56 -21.52 -19.84
C LYS A 197 -17.77 -20.89 -18.70
N PRO A 198 -18.16 -19.69 -18.28
CA PRO A 198 -17.30 -18.93 -17.39
C PRO A 198 -17.52 -19.49 -15.99
N ARG A 199 -16.65 -19.13 -15.04
CA ARG A 199 -16.81 -19.52 -13.64
C ARG A 199 -17.59 -18.42 -12.95
N ILE A 200 -18.70 -18.79 -12.29
CA ILE A 200 -19.48 -17.79 -11.56
C ILE A 200 -19.00 -17.74 -10.12
N VAL A 201 -18.37 -16.64 -9.74
CA VAL A 201 -17.90 -16.47 -8.36
C VAL A 201 -18.65 -15.35 -7.64
N ALA A 202 -19.27 -15.67 -6.50
CA ALA A 202 -19.91 -14.62 -5.72
C ALA A 202 -18.91 -14.04 -4.70
N PHE A 203 -18.88 -12.73 -4.56
CA PHE A 203 -17.98 -12.11 -3.59
C PHE A 203 -18.80 -11.42 -2.53
N VAL A 204 -18.49 -11.69 -1.27
CA VAL A 204 -19.22 -11.07 -0.18
C VAL A 204 -18.29 -10.29 0.75
N ASP A 205 -18.49 -8.97 0.81
CA ASP A 205 -17.62 -8.13 1.62
C ASP A 205 -18.37 -7.40 2.72
N ILE A 206 -18.41 -7.97 3.92
CA ILE A 206 -18.90 -7.18 5.05
C ILE A 206 -17.74 -6.50 5.75
N GLY A 207 -17.69 -5.18 5.68
CA GLY A 207 -16.60 -4.43 6.28
C GLY A 207 -17.01 -3.73 7.56
N HIS A 208 -16.57 -2.50 7.75
CA HIS A 208 -16.85 -1.84 9.00
C HIS A 208 -18.29 -1.30 9.01
N SER A 209 -18.80 -0.91 7.84
CA SER A 209 -20.09 -0.23 7.77
C SER A 209 -21.02 -0.71 6.67
N SER A 210 -20.46 -1.36 5.66
CA SER A 210 -21.25 -1.76 4.50
C SER A 210 -21.08 -3.24 4.20
N TYR A 211 -22.22 -3.85 3.90
CA TYR A 211 -22.27 -5.21 3.40
C TYR A 211 -22.60 -5.08 1.91
N THR A 212 -21.90 -5.87 1.09
CA THR A 212 -22.09 -5.87 -0.35
C THR A 212 -21.88 -7.28 -0.81
N CYS A 213 -22.67 -7.69 -1.79
CA CYS A 213 -22.61 -9.03 -2.37
C CYS A 213 -22.79 -8.89 -3.86
N SER A 214 -21.75 -9.17 -4.64
CA SER A 214 -21.91 -9.15 -6.09
C SER A 214 -21.38 -10.41 -6.73
N ILE A 215 -22.04 -10.85 -7.81
CA ILE A 215 -21.67 -12.10 -8.46
C ILE A 215 -21.07 -11.86 -9.83
N MET A 216 -19.92 -12.45 -10.11
CA MET A 216 -19.28 -12.22 -11.41
C MET A 216 -18.94 -13.48 -12.22
N ALA A 217 -18.85 -13.32 -13.53
CA ALA A 217 -18.46 -14.41 -14.40
C ALA A 217 -17.05 -14.20 -14.94
N PHE A 218 -16.19 -15.18 -14.70
CA PHE A 218 -14.78 -15.07 -15.04
C PHE A 218 -14.40 -16.02 -16.15
N LYS A 219 -13.43 -15.61 -16.93
CA LYS A 219 -12.77 -16.46 -17.89
C LYS A 219 -11.40 -15.82 -17.98
N LYS A 220 -10.40 -16.58 -18.46
CA LYS A 220 -9.07 -16.04 -18.68
C LYS A 220 -9.15 -14.65 -19.29
N GLY A 221 -8.68 -13.65 -18.58
CA GLY A 221 -8.63 -12.30 -19.15
C GLY A 221 -9.91 -11.48 -19.12
N GLN A 222 -10.86 -11.94 -18.33
CA GLN A 222 -12.22 -11.43 -18.47
C GLN A 222 -13.06 -11.65 -17.22
N LEU A 223 -13.65 -10.56 -16.71
CA LEU A 223 -14.76 -10.66 -15.78
C LEU A 223 -15.92 -9.75 -16.24
N LYS A 224 -17.14 -10.21 -16.03
CA LYS A 224 -18.32 -9.43 -16.30
C LYS A 224 -19.13 -9.49 -14.99
N VAL A 225 -19.52 -8.34 -14.44
CA VAL A 225 -20.31 -8.39 -13.21
C VAL A 225 -21.78 -8.60 -13.50
N LEU A 226 -22.32 -9.68 -12.95
CA LEU A 226 -23.65 -10.18 -13.26
C LEU A 226 -24.79 -9.60 -12.38
N GLY A 227 -24.48 -9.36 -11.11
CA GLY A 227 -25.42 -8.74 -10.19
C GLY A 227 -24.72 -8.28 -8.92
N THR A 228 -25.11 -7.09 -8.44
CA THR A 228 -24.59 -6.53 -7.19
C THR A 228 -25.74 -6.03 -6.32
N ALA A 229 -25.65 -6.25 -5.02
CA ALA A 229 -26.71 -5.88 -4.08
C ALA A 229 -26.09 -5.57 -2.70
N CYS A 230 -26.43 -4.43 -2.11
CA CYS A 230 -25.73 -3.95 -0.92
C CYS A 230 -26.70 -3.71 0.23
N ASP A 231 -26.21 -3.82 1.47
CA ASP A 231 -26.94 -3.31 2.64
C ASP A 231 -26.05 -2.28 3.27
N LYS A 232 -26.19 -1.02 2.90
CA LYS A 232 -25.19 -0.06 3.35
C LYS A 232 -25.33 0.33 4.82
N HIS A 233 -26.21 -0.34 5.56
CA HIS A 233 -26.33 -0.14 7.01
C HIS A 233 -26.22 -1.47 7.72
N PHE A 234 -25.05 -2.09 7.53
CA PHE A 234 -24.73 -3.42 8.03
C PHE A 234 -23.24 -3.58 7.89
N GLY A 235 -22.52 -3.44 8.99
CA GLY A 235 -21.09 -3.65 9.00
C GLY A 235 -20.61 -3.86 10.41
N GLY A 236 -19.30 -4.03 10.57
CA GLY A 236 -18.71 -4.20 11.88
C GLY A 236 -19.26 -3.22 12.92
N ARG A 237 -19.42 -1.96 12.53
CA ARG A 237 -19.86 -0.93 13.48
C ARG A 237 -21.24 -1.21 14.08
N ASP A 238 -22.07 -1.93 13.35
CA ASP A 238 -23.39 -2.28 13.86
C ASP A 238 -23.32 -3.40 14.91
N PHE A 239 -22.31 -4.26 14.80
CA PHE A 239 -22.04 -5.28 15.82
C PHE A 239 -21.44 -4.62 17.08
N ASP A 240 -20.58 -3.64 16.86
CA ASP A 240 -19.92 -2.93 17.96
C ASP A 240 -20.98 -2.27 18.88
N LEU A 241 -21.98 -1.63 18.29
CA LEU A 241 -23.10 -1.12 19.05
C LEU A 241 -23.87 -2.23 19.72
N ALA A 242 -24.31 -3.21 18.93
CA ALA A 242 -25.12 -4.30 19.45
C ALA A 242 -24.67 -4.71 20.85
N ILE A 243 -23.36 -4.97 20.99
CA ILE A 243 -22.71 -5.33 22.24
C ILE A 243 -22.67 -4.14 23.19
N THR A 244 -22.02 -3.05 22.77
CA THR A 244 -21.96 -1.86 23.61
C THR A 244 -23.28 -1.62 24.33
N GLU A 245 -24.40 -1.84 23.64
CA GLU A 245 -25.77 -1.68 24.18
C GLU A 245 -26.16 -2.69 25.26
N HIS A 246 -25.74 -3.94 25.07
CA HIS A 246 -25.93 -5.00 26.05
C HIS A 246 -25.24 -4.64 27.37
N PHE A 247 -23.97 -4.21 27.30
CA PHE A 247 -23.24 -3.80 28.51
C PHE A 247 -23.82 -2.54 29.13
N ALA A 248 -24.28 -1.60 28.30
CA ALA A 248 -24.88 -0.37 28.80
C ALA A 248 -26.04 -0.66 29.75
N ASP A 249 -26.79 -1.73 29.45
CA ASP A 249 -27.89 -2.20 30.29
C ASP A 249 -27.40 -2.71 31.64
N GLU A 250 -26.40 -3.61 31.60
CA GLU A 250 -25.74 -4.13 32.81
C GLU A 250 -25.23 -3.07 33.79
N PHE A 251 -24.50 -2.07 33.26
CA PHE A 251 -23.90 -1.00 34.06
C PHE A 251 -24.97 0.03 34.48
N LYS A 252 -26.20 -0.25 34.10
CA LYS A 252 -27.38 0.44 34.59
C LYS A 252 -27.84 -0.39 35.80
N THR A 253 -27.63 -1.70 35.71
CA THR A 253 -28.04 -2.62 36.77
C THR A 253 -26.98 -2.73 37.86
N LYS A 254 -26.15 -3.77 37.80
CA LYS A 254 -25.16 -4.06 38.84
C LYS A 254 -24.08 -2.98 39.02
N TYR A 255 -24.39 -1.74 38.63
CA TYR A 255 -23.47 -0.61 38.83
C TYR A 255 -24.27 0.69 38.99
N LYS A 256 -25.44 0.74 38.35
CA LYS A 256 -26.17 1.99 38.09
C LYS A 256 -25.36 3.23 37.71
N ILE A 257 -24.70 3.14 36.56
CA ILE A 257 -24.35 4.30 35.74
C ILE A 257 -25.01 4.08 34.37
N ASP A 258 -25.71 5.09 33.88
CA ASP A 258 -26.24 5.03 32.52
C ASP A 258 -25.14 5.57 31.62
N ILE A 259 -24.31 4.68 31.08
CA ILE A 259 -23.15 5.12 30.29
C ILE A 259 -23.59 6.03 29.14
N ARG A 260 -24.83 5.83 28.70
CA ARG A 260 -25.45 6.64 27.66
C ARG A 260 -25.67 8.06 28.18
N GLU A 261 -24.77 8.52 29.05
CA GLU A 261 -24.86 9.86 29.64
C GLU A 261 -23.56 10.62 29.42
N ASN A 262 -22.53 9.90 28.97
CA ASN A 262 -21.18 10.46 28.87
C ASN A 262 -20.55 10.13 27.50
N PRO A 263 -20.08 11.17 26.76
CA PRO A 263 -19.32 10.93 25.52
C PRO A 263 -18.06 10.10 25.79
N LYS A 264 -17.15 10.63 26.59
CA LYS A 264 -15.89 9.96 26.90
C LYS A 264 -16.12 8.52 27.39
N ALA A 265 -17.23 8.31 28.09
CA ALA A 265 -17.51 7.01 28.69
C ALA A 265 -18.00 6.00 27.67
N TYR A 266 -19.15 6.30 27.08
CA TYR A 266 -19.73 5.51 26.02
C TYR A 266 -18.64 5.10 25.02
N ASN A 267 -17.83 6.09 24.63
CA ASN A 267 -16.74 5.90 23.67
C ASN A 267 -15.66 4.87 24.06
N ARG A 268 -15.25 4.88 25.33
CA ARG A 268 -14.23 3.94 25.80
C ARG A 268 -14.79 2.53 25.98
N ILE A 269 -16.12 2.44 26.11
CA ILE A 269 -16.80 1.15 26.18
C ILE A 269 -16.94 0.58 24.79
N LEU A 270 -17.32 1.45 23.86
CA LEU A 270 -17.36 1.13 22.44
C LEU A 270 -16.02 0.53 22.05
N THR A 271 -14.96 1.32 22.11
CA THR A 271 -13.65 0.84 21.68
C THR A 271 -13.35 -0.52 22.27
N ALA A 272 -13.78 -0.73 23.51
CA ALA A 272 -13.49 -1.96 24.21
C ALA A 272 -14.43 -3.05 23.76
N ALA A 273 -15.64 -2.69 23.36
CA ALA A 273 -16.57 -3.67 22.81
C ALA A 273 -15.96 -4.28 21.54
N GLU A 274 -15.61 -3.39 20.61
CA GLU A 274 -14.90 -3.74 19.38
C GLU A 274 -13.78 -4.78 19.62
N LYS A 275 -12.91 -4.50 20.59
CA LYS A 275 -11.75 -5.32 20.91
C LYS A 275 -12.14 -6.71 21.37
N LEU A 276 -13.14 -6.76 22.25
CA LEU A 276 -13.73 -8.00 22.76
C LEU A 276 -14.26 -8.87 21.63
N LYS A 277 -15.11 -8.25 20.81
CA LYS A 277 -15.69 -8.86 19.63
C LYS A 277 -14.66 -9.55 18.72
N LYS A 278 -13.63 -8.80 18.31
CA LYS A 278 -12.52 -9.40 17.56
C LYS A 278 -12.02 -10.66 18.28
N VAL A 279 -11.99 -10.62 19.61
CA VAL A 279 -11.50 -11.73 20.43
C VAL A 279 -12.41 -12.95 20.44
N LEU A 280 -13.71 -12.71 20.41
CA LEU A 280 -14.64 -13.82 20.36
C LEU A 280 -14.73 -14.45 18.98
N SER A 281 -14.04 -13.85 18.00
CA SER A 281 -13.97 -14.44 16.67
C SER A 281 -12.97 -15.59 16.66
N ALA A 282 -12.17 -15.67 17.73
CA ALA A 282 -11.14 -16.70 17.84
C ALA A 282 -11.33 -17.56 19.10
N ASN A 283 -11.97 -17.01 20.13
CA ASN A 283 -12.22 -17.77 21.36
C ASN A 283 -13.69 -17.84 21.71
N THR A 284 -14.04 -18.75 22.62
CA THR A 284 -15.45 -19.03 22.91
C THR A 284 -15.97 -18.17 24.07
N ASN A 285 -15.02 -17.65 24.84
CA ASN A 285 -15.30 -16.85 26.02
C ASN A 285 -14.31 -15.70 26.11
N ALA A 286 -14.75 -14.55 26.60
CA ALA A 286 -13.86 -13.38 26.68
C ALA A 286 -14.18 -12.41 27.83
N PRO A 287 -13.15 -12.08 28.65
CA PRO A 287 -13.25 -11.16 29.78
C PRO A 287 -13.49 -9.76 29.23
N PHE A 288 -14.09 -8.87 30.00
CA PHE A 288 -14.27 -7.50 29.54
C PHE A 288 -14.15 -6.55 30.72
N SER A 289 -13.31 -5.52 30.60
CA SER A 289 -13.10 -4.59 31.71
C SER A 289 -12.58 -3.22 31.29
N VAL A 290 -13.23 -2.18 31.79
CA VAL A 290 -12.80 -0.82 31.53
C VAL A 290 -12.62 -0.07 32.85
N GLU A 291 -11.52 0.68 32.92
CA GLU A 291 -11.15 1.42 34.12
C GLU A 291 -11.83 2.79 34.16
N SER A 292 -12.47 3.10 35.28
CA SER A 292 -13.07 4.42 35.55
C SER A 292 -14.01 4.96 34.47
N VAL A 293 -14.98 4.14 34.07
CA VAL A 293 -16.00 4.52 33.08
C VAL A 293 -16.67 5.88 33.44
N MET A 294 -17.32 5.94 34.60
CA MET A 294 -17.81 7.19 35.19
C MET A 294 -17.33 7.28 36.64
N ASN A 295 -18.04 8.06 37.47
CA ASN A 295 -17.70 8.30 38.88
C ASN A 295 -16.60 7.41 39.50
N ASP A 296 -15.35 7.58 39.05
CA ASP A 296 -14.25 6.69 39.47
C ASP A 296 -14.70 5.22 39.70
N VAL A 297 -15.58 4.72 38.82
CA VAL A 297 -16.03 3.32 38.85
C VAL A 297 -15.24 2.42 37.90
N ASP A 298 -14.87 1.23 38.37
CA ASP A 298 -14.28 0.23 37.47
C ASP A 298 -15.34 -0.81 37.07
N VAL A 299 -15.44 -1.12 35.76
CA VAL A 299 -16.40 -2.11 35.27
C VAL A 299 -15.73 -3.40 34.86
N SER A 300 -16.39 -4.51 35.13
CA SER A 300 -15.85 -5.82 34.81
C SER A 300 -16.96 -6.82 34.52
N SER A 301 -16.90 -7.46 33.35
CA SER A 301 -17.89 -8.43 32.93
C SER A 301 -17.24 -9.43 31.99
N GLN A 302 -18.06 -10.05 31.14
CA GLN A 302 -17.56 -10.96 30.11
C GLN A 302 -18.68 -11.27 29.13
N LEU A 303 -18.36 -12.05 28.10
CA LEU A 303 -19.34 -12.47 27.10
C LEU A 303 -18.90 -13.76 26.46
N SER A 304 -19.84 -14.67 26.23
CA SER A 304 -19.53 -15.89 25.49
C SER A 304 -19.96 -15.74 24.04
N ARG A 305 -19.30 -16.48 23.17
CA ARG A 305 -19.67 -16.52 21.76
C ARG A 305 -21.18 -16.73 21.64
N GLU A 306 -21.71 -17.72 22.36
CA GLU A 306 -23.14 -18.02 22.35
C GLU A 306 -23.98 -16.80 22.65
N GLU A 307 -23.49 -15.97 23.56
CA GLU A 307 -24.22 -14.78 23.99
C GLU A 307 -24.03 -13.69 22.97
N LEU A 308 -22.85 -13.66 22.38
CA LEU A 308 -22.50 -12.70 21.34
C LEU A 308 -23.45 -12.89 20.20
N GLU A 309 -23.62 -14.15 19.78
CA GLU A 309 -24.48 -14.48 18.66
C GLU A 309 -25.92 -14.22 19.00
N GLU A 310 -26.29 -14.55 20.24
CA GLU A 310 -27.66 -14.35 20.68
C GLU A 310 -28.04 -12.88 20.55
N LEU A 311 -27.08 -12.00 20.86
CA LEU A 311 -27.21 -10.57 20.72
C LEU A 311 -27.53 -10.10 19.30
N VAL A 312 -26.91 -10.74 18.31
CA VAL A 312 -26.91 -10.20 16.95
C VAL A 312 -27.88 -10.87 15.97
N LYS A 313 -28.75 -11.74 16.47
CA LYS A 313 -29.74 -12.38 15.61
C LYS A 313 -30.45 -11.39 14.67
N PRO A 314 -30.67 -10.14 15.13
CA PRO A 314 -31.29 -9.15 14.22
C PRO A 314 -30.47 -8.99 12.94
N LEU A 315 -29.19 -8.67 13.11
CA LEU A 315 -28.21 -8.58 12.02
C LEU A 315 -28.08 -9.90 11.24
N LEU A 316 -28.06 -11.02 11.93
CA LEU A 316 -27.92 -12.30 11.27
C LEU A 316 -29.12 -12.67 10.38
N GLU A 317 -30.06 -11.76 10.27
CA GLU A 317 -31.30 -12.09 9.61
C GLU A 317 -31.50 -11.15 8.44
N ARG A 318 -30.66 -10.10 8.38
CA ARG A 318 -30.61 -9.17 7.26
C ARG A 318 -29.55 -9.56 6.24
N VAL A 319 -28.96 -10.73 6.48
CA VAL A 319 -27.80 -11.23 5.76
C VAL A 319 -28.14 -11.84 4.41
N THR A 320 -29.13 -12.71 4.39
CA THR A 320 -29.49 -13.38 3.14
C THR A 320 -30.19 -12.41 2.20
N GLU A 321 -30.82 -11.37 2.75
CA GLU A 321 -31.57 -10.43 1.90
C GLU A 321 -30.83 -10.04 0.59
N PRO A 322 -29.56 -9.56 0.66
CA PRO A 322 -28.84 -9.09 -0.52
C PRO A 322 -28.28 -10.23 -1.39
N VAL A 323 -28.04 -11.38 -0.78
CA VAL A 323 -27.71 -12.56 -1.57
C VAL A 323 -28.88 -12.94 -2.48
N THR A 324 -30.10 -12.82 -1.98
CA THR A 324 -31.22 -13.20 -2.82
C THR A 324 -31.37 -12.17 -3.94
N LYS A 325 -31.37 -10.90 -3.55
CA LYS A 325 -31.44 -9.77 -4.47
C LYS A 325 -30.36 -9.84 -5.59
N ALA A 326 -29.21 -10.41 -5.26
CA ALA A 326 -28.05 -10.50 -6.16
C ALA A 326 -28.29 -11.57 -7.22
N LEU A 327 -28.50 -12.80 -6.77
CA LEU A 327 -28.85 -13.89 -7.68
C LEU A 327 -30.06 -13.52 -8.53
N ALA A 328 -31.01 -12.81 -7.92
CA ALA A 328 -32.25 -12.44 -8.60
C ALA A 328 -31.90 -11.56 -9.77
N GLN A 329 -31.05 -10.57 -9.52
CA GLN A 329 -30.63 -9.65 -10.58
C GLN A 329 -29.74 -10.30 -11.65
N ALA A 330 -28.77 -11.09 -11.19
CA ALA A 330 -27.87 -11.77 -12.09
C ALA A 330 -28.60 -12.84 -12.90
N LYS A 331 -29.92 -12.87 -12.78
CA LYS A 331 -30.74 -13.92 -13.37
C LYS A 331 -30.09 -15.29 -13.30
N LEU A 332 -29.66 -15.64 -12.09
CA LEU A 332 -28.97 -16.91 -11.78
C LEU A 332 -29.68 -17.69 -10.69
N SER A 333 -29.44 -19.01 -10.64
CA SER A 333 -29.90 -19.83 -9.51
C SER A 333 -28.69 -20.29 -8.73
N ALA A 334 -28.87 -20.48 -7.42
CA ALA A 334 -27.73 -20.60 -6.51
C ALA A 334 -26.73 -21.72 -6.82
N GLU A 335 -27.17 -22.78 -7.50
CA GLU A 335 -26.24 -23.86 -7.78
C GLU A 335 -25.44 -23.56 -9.02
N GLU A 336 -25.81 -22.49 -9.72
CA GLU A 336 -25.01 -22.03 -10.85
C GLU A 336 -23.79 -21.23 -10.40
N VAL A 337 -23.74 -20.83 -9.14
CA VAL A 337 -22.59 -20.11 -8.58
C VAL A 337 -21.51 -21.12 -8.21
N ASP A 338 -20.32 -21.07 -8.80
CA ASP A 338 -19.34 -22.13 -8.52
C ASP A 338 -18.70 -21.99 -7.13
N PHE A 339 -18.16 -20.81 -6.81
CA PHE A 339 -17.55 -20.54 -5.49
C PHE A 339 -18.02 -19.22 -4.88
N VAL A 340 -17.89 -19.11 -3.56
CA VAL A 340 -18.29 -17.89 -2.87
C VAL A 340 -17.11 -17.42 -2.01
N GLU A 341 -16.47 -16.32 -2.41
CA GLU A 341 -15.29 -15.86 -1.70
C GLU A 341 -15.66 -14.75 -0.74
N ILE A 342 -15.29 -14.90 0.54
CA ILE A 342 -15.50 -13.82 1.52
C ILE A 342 -14.27 -12.94 1.66
N ILE A 343 -14.51 -11.64 1.62
CA ILE A 343 -13.53 -10.63 2.01
C ILE A 343 -14.22 -9.64 2.97
N GLY A 344 -13.43 -8.85 3.70
CA GLY A 344 -14.01 -7.87 4.61
C GLY A 344 -13.86 -8.27 6.07
N GLY A 345 -13.49 -7.30 6.87
CA GLY A 345 -13.18 -7.55 8.27
C GLY A 345 -14.17 -8.39 9.05
N THR A 346 -15.47 -8.12 8.90
CA THR A 346 -16.44 -8.76 9.79
C THR A 346 -16.96 -10.08 9.28
N THR A 347 -16.43 -10.54 8.15
CA THR A 347 -16.63 -11.93 7.75
C THR A 347 -15.72 -12.88 8.58
N ARG A 348 -15.12 -12.36 9.65
CA ARG A 348 -14.22 -13.18 10.44
C ARG A 348 -14.94 -13.79 11.65
N ILE A 349 -16.13 -13.24 11.94
CA ILE A 349 -17.05 -13.73 12.94
C ILE A 349 -17.66 -15.05 12.46
N PRO A 350 -17.41 -16.14 13.19
CA PRO A 350 -17.87 -17.46 12.71
C PRO A 350 -19.37 -17.66 12.47
N THR A 351 -20.25 -17.01 13.24
CA THR A 351 -21.66 -17.24 13.05
C THR A 351 -22.08 -16.63 11.74
N LEU A 352 -21.46 -15.48 11.47
CA LEU A 352 -21.64 -14.76 10.20
C LEU A 352 -21.09 -15.56 9.02
N LYS A 353 -19.90 -16.16 9.17
CA LYS A 353 -19.39 -17.04 8.16
C LYS A 353 -20.44 -18.07 7.81
N GLN A 354 -21.01 -18.70 8.82
CA GLN A 354 -22.00 -19.74 8.55
C GLN A 354 -23.28 -19.14 7.96
N SER A 355 -23.73 -18.04 8.55
CA SER A 355 -24.99 -17.45 8.14
C SER A 355 -24.99 -17.03 6.68
N ILE A 356 -23.81 -16.84 6.14
CA ILE A 356 -23.70 -16.56 4.72
C ILE A 356 -23.53 -17.87 3.95
N SER A 357 -22.83 -18.84 4.51
CA SER A 357 -22.72 -20.11 3.79
C SER A 357 -24.09 -20.66 3.47
N GLU A 358 -25.01 -20.57 4.43
CA GLU A 358 -26.34 -21.19 4.25
C GLU A 358 -27.28 -20.29 3.43
N ALA A 359 -26.77 -19.08 3.16
CA ALA A 359 -27.43 -18.13 2.26
C ALA A 359 -27.15 -18.43 0.77
N PHE A 360 -26.13 -19.25 0.49
CA PHE A 360 -25.73 -19.58 -0.86
C PHE A 360 -25.81 -21.08 -0.95
N GLY A 361 -25.86 -21.72 0.20
CA GLY A 361 -25.97 -23.16 0.26
C GLY A 361 -24.76 -23.92 -0.26
N LYS A 362 -23.58 -23.33 -0.08
CA LYS A 362 -22.30 -24.03 -0.31
C LYS A 362 -21.21 -23.48 0.61
N PRO A 363 -20.05 -24.18 0.68
CA PRO A 363 -18.95 -23.74 1.57
C PRO A 363 -18.35 -22.41 1.14
N LEU A 364 -17.84 -21.67 2.11
CA LEU A 364 -17.12 -20.44 1.83
C LEU A 364 -15.74 -20.75 1.29
N SER A 365 -15.17 -19.81 0.55
CA SER A 365 -13.84 -19.99 0.05
C SER A 365 -13.11 -18.74 0.47
N THR A 366 -11.80 -18.83 0.60
CA THR A 366 -11.08 -17.69 1.14
C THR A 366 -9.74 -17.57 0.48
N THR A 367 -9.73 -17.40 -0.83
CA THR A 367 -8.48 -17.54 -1.57
C THR A 367 -7.92 -16.22 -2.02
N LEU A 368 -8.62 -15.14 -1.67
CA LEU A 368 -8.12 -13.79 -1.90
C LEU A 368 -7.52 -13.37 -0.57
N ASN A 369 -6.57 -12.45 -0.58
CA ASN A 369 -6.12 -11.89 0.68
C ASN A 369 -7.23 -10.99 1.17
N GLN A 370 -8.00 -11.43 2.16
CA GLN A 370 -9.27 -10.75 2.42
C GLN A 370 -9.20 -9.40 3.17
N ASP A 371 -8.16 -8.61 2.87
CA ASP A 371 -7.93 -7.33 3.52
C ASP A 371 -7.26 -6.42 2.50
N GLU A 372 -6.50 -7.05 1.62
CA GLU A 372 -5.72 -6.36 0.62
C GLU A 372 -6.21 -6.59 -0.84
N ALA A 373 -7.21 -7.46 -1.04
CA ALA A 373 -7.69 -7.68 -2.40
C ALA A 373 -8.36 -6.43 -3.06
N ILE A 374 -9.21 -5.72 -2.33
CA ILE A 374 -9.86 -4.57 -2.96
C ILE A 374 -8.78 -3.55 -3.35
N ALA A 375 -7.76 -3.43 -2.51
CA ALA A 375 -6.75 -2.40 -2.72
C ALA A 375 -5.75 -2.82 -3.79
N LYS A 376 -5.30 -4.06 -3.70
CA LYS A 376 -4.35 -4.62 -4.66
C LYS A 376 -4.90 -4.56 -6.08
N GLY A 377 -6.13 -5.05 -6.26
CA GLY A 377 -6.79 -4.93 -7.56
C GLY A 377 -6.95 -3.48 -8.00
N ALA A 378 -7.14 -2.58 -7.03
CA ALA A 378 -7.42 -1.19 -7.37
C ALA A 378 -6.18 -0.58 -8.00
N ALA A 379 -5.01 -0.96 -7.49
CA ALA A 379 -3.77 -0.40 -8.01
C ALA A 379 -3.43 -0.98 -9.38
N PHE A 380 -3.81 -2.23 -9.63
CA PHE A 380 -3.70 -2.77 -10.97
C PHE A 380 -4.43 -1.89 -11.97
N ILE A 381 -5.69 -1.60 -11.64
CA ILE A 381 -6.49 -0.72 -12.49
C ILE A 381 -5.80 0.61 -12.77
N CYS A 382 -5.21 1.18 -11.72
CA CYS A 382 -4.52 2.46 -11.84
C CYS A 382 -3.44 2.28 -12.88
N ALA A 383 -2.73 1.16 -12.79
CA ALA A 383 -1.65 0.80 -13.72
C ALA A 383 -2.15 0.74 -15.16
N ILE A 384 -3.31 0.12 -15.37
CA ILE A 384 -3.94 0.18 -16.68
C ILE A 384 -3.70 1.56 -17.30
N HIS A 385 -4.18 2.62 -16.62
CA HIS A 385 -4.07 4.02 -17.07
C HIS A 385 -2.67 4.64 -17.01
N SER A 386 -1.67 3.88 -16.59
CA SER A 386 -0.30 4.37 -16.56
C SER A 386 0.25 4.47 -17.97
N PRO A 387 0.77 5.64 -18.33
CA PRO A 387 1.27 5.82 -19.69
C PRO A 387 2.61 5.14 -19.80
N THR A 388 3.20 4.77 -18.66
CA THR A 388 4.49 4.09 -18.65
C THR A 388 4.46 2.60 -18.22
N LEU A 389 3.40 1.88 -18.58
CA LEU A 389 3.26 0.47 -18.22
C LEU A 389 2.49 -0.29 -19.26
N ARG A 390 2.93 -1.51 -19.55
CA ARG A 390 2.11 -2.40 -20.36
C ARG A 390 1.60 -3.51 -19.46
N VAL A 391 0.30 -3.49 -19.20
CA VAL A 391 -0.32 -4.44 -18.29
C VAL A 391 -0.83 -5.65 -19.01
N ARG A 392 -0.89 -6.74 -18.27
CA ARG A 392 -1.52 -7.97 -18.70
C ARG A 392 -2.89 -7.62 -19.17
N PRO A 393 -3.23 -8.06 -20.38
CA PRO A 393 -4.56 -7.66 -20.85
C PRO A 393 -5.64 -8.32 -19.97
N PHE A 394 -6.61 -7.50 -19.56
CA PHE A 394 -7.74 -7.92 -18.73
C PHE A 394 -8.96 -7.05 -18.96
N LYS A 395 -10.10 -7.65 -19.32
CA LYS A 395 -11.29 -6.89 -19.63
C LYS A 395 -12.35 -7.00 -18.55
N PHE A 396 -12.80 -5.89 -18.00
CA PHE A 396 -13.88 -5.99 -17.02
C PHE A 396 -15.04 -5.02 -17.20
N GLU A 397 -16.25 -5.59 -17.20
CA GLU A 397 -17.45 -4.79 -17.33
C GLU A 397 -18.29 -4.90 -16.05
N ASP A 398 -18.60 -3.75 -15.47
CA ASP A 398 -19.43 -3.69 -14.28
C ASP A 398 -20.88 -3.49 -14.70
N ILE A 399 -21.78 -3.52 -13.73
CA ILE A 399 -23.20 -3.41 -14.00
C ILE A 399 -23.72 -1.97 -13.87
N HIS A 400 -24.63 -1.63 -14.78
CA HIS A 400 -25.15 -0.27 -14.97
C HIS A 400 -26.66 -0.34 -14.69
N PRO A 401 -27.02 -0.38 -13.42
CA PRO A 401 -28.31 -0.81 -12.83
C PRO A 401 -29.51 -0.02 -13.32
N TYR A 402 -29.31 1.29 -13.52
CA TYR A 402 -30.41 2.20 -13.83
C TYR A 402 -30.41 2.62 -15.28
N SER A 403 -31.59 2.67 -15.89
CA SER A 403 -31.68 3.20 -17.25
C SER A 403 -31.48 4.72 -17.31
N VAL A 404 -30.63 5.15 -18.23
CA VAL A 404 -30.26 6.53 -18.39
C VAL A 404 -30.49 6.99 -19.83
N SER A 405 -31.33 8.00 -20.01
CA SER A 405 -31.56 8.56 -21.35
C SER A 405 -30.77 9.84 -21.51
N TYR A 406 -30.70 10.29 -22.76
CA TYR A 406 -30.08 11.57 -23.10
C TYR A 406 -31.06 12.36 -23.97
N SER A 407 -31.09 13.68 -23.74
CA SER A 407 -32.02 14.57 -24.41
C SER A 407 -31.25 15.69 -25.06
N TRP A 408 -31.90 16.38 -25.97
CA TRP A 408 -31.21 17.37 -26.75
C TRP A 408 -32.24 18.27 -27.39
N ASP A 409 -31.81 19.50 -27.64
CA ASP A 409 -32.59 20.47 -28.40
C ASP A 409 -33.21 19.83 -29.65
N LYS A 410 -34.53 19.72 -29.65
CA LYS A 410 -35.19 19.08 -30.79
C LYS A 410 -35.17 20.02 -31.99
N GLN A 411 -34.06 20.17 -32.70
CA GLN A 411 -34.15 21.14 -33.79
C GLN A 411 -34.83 20.52 -35.05
N VAL A 412 -34.04 20.20 -36.04
CA VAL A 412 -34.50 19.47 -37.20
C VAL A 412 -34.85 18.00 -36.86
N GLU A 413 -34.61 17.58 -35.63
CA GLU A 413 -34.80 16.18 -35.23
C GLU A 413 -36.25 15.81 -34.85
N ASP A 414 -36.69 14.60 -35.17
CA ASP A 414 -38.05 14.24 -34.80
C ASP A 414 -38.18 14.15 -33.29
N GLU A 415 -37.25 13.41 -32.68
CA GLU A 415 -37.21 13.22 -31.22
C GLU A 415 -36.23 14.18 -30.56
N ASP A 416 -36.40 14.43 -29.27
CA ASP A 416 -35.43 15.27 -28.52
C ASP A 416 -34.80 14.50 -27.36
N HIS A 417 -34.73 13.18 -27.49
CA HIS A 417 -34.22 12.30 -26.43
C HIS A 417 -34.36 10.84 -26.79
N MET A 418 -33.61 9.97 -26.08
CA MET A 418 -33.71 8.51 -26.23
C MET A 418 -32.98 7.80 -25.10
N GLU A 419 -33.45 6.61 -24.74
CA GLU A 419 -32.70 5.80 -23.77
C GLU A 419 -31.34 5.48 -24.40
N VAL A 420 -30.27 5.67 -23.64
CA VAL A 420 -28.93 5.49 -24.21
C VAL A 420 -28.21 4.31 -23.58
N PHE A 421 -28.27 4.22 -22.26
CA PHE A 421 -27.63 3.12 -21.57
C PHE A 421 -28.66 2.42 -20.72
N PRO A 422 -29.20 1.30 -21.24
CA PRO A 422 -30.31 0.58 -20.61
C PRO A 422 -29.97 0.07 -19.21
N ALA A 423 -30.99 -0.40 -18.51
CA ALA A 423 -30.77 -0.94 -17.19
C ALA A 423 -30.10 -2.28 -17.41
N GLY A 424 -29.02 -2.57 -16.69
CA GLY A 424 -28.52 -3.92 -16.66
C GLY A 424 -27.46 -4.17 -17.70
N SER A 425 -27.22 -3.14 -18.50
CA SER A 425 -26.08 -3.10 -19.39
C SER A 425 -24.79 -2.93 -18.58
N SER A 426 -23.63 -3.13 -19.22
CA SER A 426 -22.35 -3.02 -18.55
C SER A 426 -21.81 -1.61 -18.75
N PHE A 427 -20.80 -1.26 -17.96
CA PHE A 427 -19.99 -0.08 -18.22
C PHE A 427 -18.51 -0.38 -18.00
N PRO A 428 -17.63 0.35 -18.69
CA PRO A 428 -17.94 1.44 -19.61
C PRO A 428 -18.65 0.97 -20.87
N SER A 429 -19.29 1.93 -21.53
CA SER A 429 -19.99 1.68 -22.77
C SER A 429 -19.92 2.99 -23.51
N THR A 430 -19.67 2.94 -24.81
CA THR A 430 -19.76 4.12 -25.66
C THR A 430 -20.89 3.91 -26.65
N LYS A 431 -21.63 4.96 -26.93
CA LYS A 431 -22.74 4.92 -27.84
C LYS A 431 -22.43 6.07 -28.76
N LEU A 432 -22.38 5.79 -30.06
CA LEU A 432 -22.35 6.86 -31.05
C LEU A 432 -23.78 7.23 -31.49
N ILE A 433 -24.11 8.51 -31.47
CA ILE A 433 -25.33 8.98 -32.10
C ILE A 433 -24.97 10.03 -33.12
N THR A 434 -25.94 10.34 -33.98
CA THR A 434 -25.82 11.38 -34.95
C THR A 434 -27.05 12.28 -34.84
N LEU A 435 -26.83 13.56 -34.54
CA LEU A 435 -27.96 14.49 -34.48
C LEU A 435 -27.95 15.47 -35.66
N ASN A 436 -29.12 15.76 -36.22
CA ASN A 436 -29.17 16.79 -37.24
C ASN A 436 -29.33 18.18 -36.63
N ARG A 437 -28.49 19.12 -37.06
CA ARG A 437 -28.33 20.34 -36.30
C ARG A 437 -28.49 21.61 -37.15
N THR A 438 -29.44 22.45 -36.75
CA THR A 438 -29.64 23.76 -37.37
C THR A 438 -28.64 24.75 -36.76
N GLY A 439 -28.08 24.38 -35.62
CA GLY A 439 -26.99 25.14 -35.04
C GLY A 439 -26.51 24.62 -33.70
N ASP A 440 -25.79 25.47 -32.97
CA ASP A 440 -25.38 25.17 -31.60
C ASP A 440 -26.57 24.64 -30.80
N PHE A 441 -26.28 23.76 -29.83
CA PHE A 441 -27.37 23.15 -29.08
C PHE A 441 -26.95 22.69 -27.69
N SER A 442 -27.94 22.24 -26.93
CA SER A 442 -27.72 21.79 -25.57
C SER A 442 -28.19 20.36 -25.38
N MET A 443 -27.51 19.62 -24.51
CA MET A 443 -27.85 18.23 -24.25
C MET A 443 -27.82 17.96 -22.75
N ALA A 444 -28.56 16.95 -22.31
CA ALA A 444 -28.65 16.59 -20.90
C ALA A 444 -28.91 15.10 -20.73
N ALA A 445 -28.32 14.52 -19.68
CA ALA A 445 -28.47 13.10 -19.38
C ALA A 445 -29.28 12.93 -18.11
N SER A 446 -30.19 11.96 -18.07
CA SER A 446 -30.98 11.77 -16.85
C SER A 446 -31.61 10.39 -16.75
N TYR A 447 -32.18 10.09 -15.58
CA TYR A 447 -32.76 8.77 -15.36
C TYR A 447 -34.16 8.67 -15.95
N THR A 448 -34.30 7.64 -16.78
CA THR A 448 -35.48 7.26 -17.55
C THR A 448 -36.71 7.01 -16.69
N ASP A 449 -36.52 6.49 -15.50
CA ASP A 449 -37.63 6.19 -14.63
C ASP A 449 -37.14 6.47 -13.23
N ILE A 450 -37.35 7.71 -12.76
CA ILE A 450 -36.79 8.15 -11.47
C ILE A 450 -37.28 7.32 -10.26
N THR A 451 -38.35 6.57 -10.47
CA THR A 451 -38.92 5.69 -9.45
C THR A 451 -38.08 4.43 -9.24
N GLN A 452 -37.03 4.29 -10.03
CA GLN A 452 -36.12 3.14 -9.94
C GLN A 452 -34.99 3.42 -8.96
N LEU A 453 -34.71 4.71 -8.79
CA LEU A 453 -33.58 5.15 -7.97
C LEU A 453 -33.96 5.39 -6.53
N PRO A 454 -32.95 5.39 -5.64
CA PRO A 454 -33.19 5.60 -4.21
C PRO A 454 -33.83 6.97 -4.00
N PRO A 455 -34.80 7.04 -3.08
CA PRO A 455 -35.50 8.25 -2.68
C PRO A 455 -34.66 9.53 -2.78
N ASN A 456 -35.24 10.53 -3.45
CA ASN A 456 -34.65 11.87 -3.49
C ASN A 456 -33.42 11.98 -4.39
N THR A 457 -33.26 11.00 -5.27
CA THR A 457 -32.25 11.08 -6.32
C THR A 457 -32.78 12.08 -7.36
N PRO A 458 -31.95 13.09 -7.69
CA PRO A 458 -32.35 14.21 -8.55
C PRO A 458 -33.11 13.79 -9.83
N GLU A 459 -32.56 12.89 -10.64
CA GLU A 459 -33.10 12.62 -11.96
C GLU A 459 -32.27 13.33 -13.03
N GLN A 460 -32.06 14.63 -12.90
CA GLN A 460 -31.07 15.26 -13.78
C GLN A 460 -29.67 14.81 -13.34
N ILE A 461 -28.81 14.43 -14.30
CA ILE A 461 -27.47 13.88 -13.98
C ILE A 461 -26.36 14.80 -14.39
N ALA A 462 -26.48 15.38 -15.57
CA ALA A 462 -25.55 16.39 -16.04
C ALA A 462 -26.12 17.00 -17.31
N ASN A 463 -25.51 18.08 -17.78
CA ASN A 463 -25.88 18.69 -19.05
C ASN A 463 -24.69 19.36 -19.67
N TRP A 464 -24.70 19.44 -20.98
CA TRP A 464 -23.56 20.01 -21.66
C TRP A 464 -24.11 21.08 -22.61
N GLU A 465 -23.24 21.94 -23.13
CA GLU A 465 -23.59 22.79 -24.24
C GLU A 465 -22.56 22.58 -25.33
N ILE A 466 -23.03 22.38 -26.57
CA ILE A 466 -22.13 22.23 -27.70
C ILE A 466 -22.11 23.46 -28.61
N THR A 467 -20.90 23.87 -28.94
CA THR A 467 -20.59 25.17 -29.48
C THR A 467 -19.80 24.96 -30.76
N GLY A 468 -20.00 25.83 -31.73
CA GLY A 468 -19.15 25.84 -32.90
C GLY A 468 -19.74 25.09 -34.06
N VAL A 469 -21.00 24.70 -33.95
CA VAL A 469 -21.71 24.10 -35.06
C VAL A 469 -21.75 25.08 -36.22
N GLN A 470 -21.37 24.64 -37.41
CA GLN A 470 -21.31 25.54 -38.58
C GLN A 470 -21.71 24.90 -39.91
N LEU A 471 -22.80 25.40 -40.49
CA LEU A 471 -23.41 24.81 -41.68
C LEU A 471 -22.56 24.94 -42.94
N PRO A 472 -22.42 23.82 -43.69
CA PRO A 472 -21.61 23.73 -44.91
C PRO A 472 -21.66 24.95 -45.87
N GLU A 473 -22.81 25.23 -46.49
CA GLU A 473 -22.94 26.30 -47.50
C GLU A 473 -24.12 26.04 -48.40
N GLY A 474 -25.24 26.65 -48.08
CA GLY A 474 -26.47 26.33 -48.78
C GLY A 474 -27.29 25.27 -48.07
N GLN A 475 -26.71 24.71 -47.02
CA GLN A 475 -27.38 23.72 -46.20
C GLN A 475 -28.12 24.42 -45.12
N ASP A 476 -29.26 23.88 -44.77
CA ASP A 476 -30.09 24.46 -43.73
C ASP A 476 -29.81 23.79 -42.40
N SER A 477 -29.30 22.57 -42.46
CA SER A 477 -28.89 21.82 -41.27
C SER A 477 -27.63 20.93 -41.48
N VAL A 478 -27.12 20.38 -40.39
CA VAL A 478 -25.86 19.66 -40.40
C VAL A 478 -25.89 18.56 -39.38
N PRO A 479 -25.46 17.35 -39.78
CA PRO A 479 -25.37 16.21 -38.88
C PRO A 479 -24.10 16.31 -38.06
N VAL A 480 -24.24 16.30 -36.74
CA VAL A 480 -23.10 16.16 -35.86
C VAL A 480 -23.12 14.79 -35.20
N LYS A 481 -22.01 14.08 -35.31
CA LYS A 481 -21.84 12.81 -34.61
C LYS A 481 -21.37 13.10 -33.18
N LEU A 482 -22.17 12.66 -32.22
CA LEU A 482 -21.77 12.69 -30.82
C LEU A 482 -21.27 11.31 -30.34
N LYS A 483 -20.51 11.32 -29.25
CA LYS A 483 -19.95 10.11 -28.67
C LYS A 483 -20.33 10.09 -27.18
N LEU A 484 -21.54 9.63 -26.87
CA LEU A 484 -21.98 9.56 -25.48
C LEU A 484 -21.30 8.38 -24.82
N ARG A 485 -20.88 8.56 -23.58
CA ARG A 485 -20.02 7.57 -22.99
C ARG A 485 -20.35 7.46 -21.53
N CYS A 486 -20.59 6.23 -21.09
CA CYS A 486 -20.63 5.93 -19.67
C CYS A 486 -19.22 5.41 -19.28
N ASP A 487 -18.47 6.20 -18.52
CA ASP A 487 -17.04 5.98 -18.40
C ASP A 487 -16.63 4.86 -17.42
N PRO A 488 -15.32 4.60 -17.28
CA PRO A 488 -14.98 3.47 -16.42
C PRO A 488 -15.23 3.72 -14.94
N SER A 489 -15.63 4.93 -14.58
CA SER A 489 -15.89 5.22 -13.18
C SER A 489 -17.39 5.17 -12.98
N GLY A 490 -18.12 4.98 -14.07
CA GLY A 490 -19.57 4.82 -14.04
C GLY A 490 -20.23 6.11 -14.42
N LEU A 491 -19.40 7.12 -14.66
CA LEU A 491 -19.83 8.51 -14.81
C LEU A 491 -20.35 8.81 -16.21
N HIS A 492 -21.49 9.49 -16.31
CA HIS A 492 -22.14 9.73 -17.61
C HIS A 492 -21.70 11.01 -18.29
N THR A 493 -20.95 10.85 -19.38
CA THR A 493 -20.25 11.95 -20.02
C THR A 493 -20.64 12.12 -21.50
N ILE A 494 -20.10 13.15 -22.15
CA ILE A 494 -20.20 13.30 -23.58
C ILE A 494 -18.77 13.57 -24.03
N GLU A 495 -18.21 12.61 -24.73
CA GLU A 495 -16.77 12.52 -24.86
C GLU A 495 -16.22 13.28 -26.05
N GLU A 496 -17.07 13.68 -26.99
CA GLU A 496 -16.57 14.19 -28.27
C GLU A 496 -17.69 14.45 -29.26
N ALA A 497 -17.64 15.58 -29.96
CA ALA A 497 -18.72 15.89 -30.89
C ALA A 497 -18.20 16.67 -32.09
N TYR A 498 -18.57 16.25 -33.29
CA TYR A 498 -18.07 16.93 -34.46
C TYR A 498 -19.08 16.91 -35.62
N THR A 499 -19.04 17.95 -36.46
CA THR A 499 -19.86 18.01 -37.67
C THR A 499 -19.23 17.20 -38.77
N ILE A 500 -20.08 16.70 -39.66
CA ILE A 500 -19.64 15.95 -40.83
C ILE A 500 -20.25 16.57 -42.09
N GLU A 501 -19.60 16.36 -43.24
CA GLU A 501 -20.11 16.93 -44.48
C GLU A 501 -19.67 16.08 -45.65
N ASP A 502 -20.52 15.99 -46.68
CA ASP A 502 -20.19 15.21 -47.87
C ASP A 502 -19.38 16.06 -48.84
N ILE A 503 -18.45 15.43 -49.52
CA ILE A 503 -17.72 16.05 -50.62
C ILE A 503 -17.51 15.06 -51.75
N GLU A 504 -17.26 15.57 -52.95
CA GLU A 504 -17.08 14.72 -54.13
C GLU A 504 -15.61 14.55 -54.50
N VAL A 505 -15.17 13.30 -54.47
CA VAL A 505 -13.80 12.91 -54.66
C VAL A 505 -13.73 12.18 -56.00
N GLU A 506 -13.45 12.90 -57.08
CA GLU A 506 -13.39 12.27 -58.39
C GLU A 506 -12.40 11.11 -58.39
N GLU A 507 -12.88 9.90 -58.68
CA GLU A 507 -12.02 8.73 -58.81
C GLU A 507 -12.06 8.19 -60.27
N PRO A 508 -10.94 7.62 -60.75
CA PRO A 508 -10.89 7.04 -62.10
C PRO A 508 -11.60 5.69 -62.20
N ILE A 509 -12.15 5.37 -63.37
CA ILE A 509 -12.80 4.09 -63.66
C ILE A 509 -11.89 3.17 -64.46
N PRO A 510 -11.75 1.92 -63.97
CA PRO A 510 -10.66 1.02 -64.39
C PRO A 510 -10.71 0.63 -65.87
N LEU A 511 -11.51 -0.39 -66.16
CA LEU A 511 -11.56 -1.06 -67.47
C LEU A 511 -10.20 -1.49 -68.06
N PRO A 512 -9.44 -2.32 -67.31
CA PRO A 512 -8.16 -2.88 -67.80
C PRO A 512 -8.34 -4.28 -68.38
N GLU A 513 -9.57 -4.56 -68.81
CA GLU A 513 -9.91 -5.84 -69.44
C GLU A 513 -9.49 -5.74 -70.90
N ASP A 514 -10.23 -4.91 -71.63
CA ASP A 514 -9.84 -4.50 -72.98
C ASP A 514 -8.58 -3.63 -72.90
N ALA A 515 -7.92 -3.50 -74.04
CA ALA A 515 -6.84 -2.54 -74.21
C ALA A 515 -7.09 -1.77 -75.52
N PRO A 516 -8.10 -0.89 -75.52
CA PRO A 516 -8.67 -0.28 -76.74
C PRO A 516 -7.82 0.87 -77.31
N GLU A 517 -6.68 0.50 -77.92
CA GLU A 517 -5.66 1.47 -78.38
C GLU A 517 -5.17 2.42 -77.28
N ASP A 518 -5.47 2.07 -76.02
CA ASP A 518 -5.13 2.90 -74.85
C ASP A 518 -5.82 4.28 -74.90
N ALA A 519 -7.05 4.31 -74.39
CA ALA A 519 -7.91 5.49 -74.45
C ALA A 519 -9.32 5.17 -73.93
N GLU A 520 -10.05 6.25 -73.58
CA GLU A 520 -11.42 6.17 -73.02
C GLU A 520 -11.39 6.10 -71.48
N GLN A 521 -10.52 6.90 -70.86
CA GLN A 521 -10.44 6.95 -69.39
C GLN A 521 -11.61 7.75 -68.77
N GLU A 522 -12.46 7.03 -68.05
CA GLU A 522 -13.62 7.62 -67.40
C GLU A 522 -13.40 7.83 -65.90
N PHE A 523 -14.02 8.89 -65.38
CA PHE A 523 -13.95 9.21 -63.97
C PHE A 523 -15.37 9.38 -63.48
N LYS A 524 -15.58 9.07 -62.20
CA LYS A 524 -16.89 9.13 -61.56
C LYS A 524 -16.80 10.06 -60.36
N LYS A 525 -17.75 10.98 -60.21
CA LYS A 525 -17.79 11.77 -59.00
C LYS A 525 -18.29 10.85 -57.86
N VAL A 526 -17.63 10.91 -56.72
CA VAL A 526 -17.97 10.04 -55.59
C VAL A 526 -18.09 10.87 -54.31
N THR A 527 -19.20 10.69 -53.61
CA THR A 527 -19.44 11.45 -52.38
C THR A 527 -18.80 10.76 -51.19
N LYS A 528 -17.95 11.50 -50.50
CA LYS A 528 -17.23 10.95 -49.36
C LYS A 528 -17.57 11.77 -48.16
N THR A 529 -18.12 11.12 -47.13
CA THR A 529 -18.50 11.82 -45.93
C THR A 529 -17.31 11.99 -44.95
N VAL A 530 -17.14 13.20 -44.44
CA VAL A 530 -15.89 13.58 -43.81
C VAL A 530 -16.11 14.48 -42.60
N LYS A 531 -15.24 14.37 -41.61
CA LYS A 531 -15.34 15.23 -40.46
C LYS A 531 -15.28 16.66 -40.96
N LYS A 532 -16.13 17.55 -40.47
CA LYS A 532 -16.03 18.95 -40.87
C LYS A 532 -15.30 19.78 -39.82
N ASP A 533 -16.02 20.16 -38.76
CA ASP A 533 -15.47 20.94 -37.65
C ASP A 533 -15.59 20.17 -36.33
N ASP A 534 -14.59 20.29 -35.47
CA ASP A 534 -14.71 19.80 -34.08
C ASP A 534 -15.38 20.82 -33.19
N LEU A 535 -16.40 20.37 -32.45
CA LEU A 535 -17.23 21.28 -31.64
C LEU A 535 -16.78 21.32 -30.20
N THR A 536 -17.22 22.34 -29.48
CA THR A 536 -16.77 22.49 -28.11
C THR A 536 -17.82 22.12 -27.08
N ILE A 537 -17.40 21.31 -26.13
CA ILE A 537 -18.32 20.81 -25.14
C ILE A 537 -18.01 21.46 -23.80
N VAL A 538 -18.97 22.21 -23.23
CA VAL A 538 -18.82 22.52 -21.81
C VAL A 538 -19.69 21.65 -20.97
N ALA A 539 -19.03 20.98 -20.05
CA ALA A 539 -19.70 20.03 -19.21
C ALA A 539 -20.15 20.71 -17.93
N HIS A 540 -21.32 20.33 -17.46
CA HIS A 540 -21.84 20.80 -16.19
C HIS A 540 -22.19 19.56 -15.43
N THR A 541 -21.30 19.16 -14.54
CA THR A 541 -21.48 17.93 -13.79
C THR A 541 -21.37 18.20 -12.32
N PHE A 542 -21.52 17.14 -11.53
CA PHE A 542 -21.33 17.21 -10.07
C PHE A 542 -19.88 17.51 -9.72
N GLY A 543 -18.98 17.29 -10.67
CA GLY A 543 -17.59 17.70 -10.49
C GLY A 543 -17.50 19.18 -10.19
N LEU A 544 -16.43 19.62 -9.56
CA LEU A 544 -16.34 21.02 -9.16
C LEU A 544 -15.64 21.84 -10.24
N ASP A 545 -15.98 23.13 -10.29
CA ASP A 545 -15.44 24.05 -11.30
C ASP A 545 -14.00 24.46 -10.99
N ALA A 546 -13.22 24.79 -12.04
CA ALA A 546 -11.78 25.14 -11.89
C ALA A 546 -11.50 26.20 -10.80
N LYS A 547 -12.46 27.11 -10.61
CA LYS A 547 -12.36 28.19 -9.62
C LYS A 547 -12.44 27.64 -8.21
N LYS A 548 -13.60 27.08 -7.87
CA LYS A 548 -13.82 26.50 -6.55
C LYS A 548 -12.85 25.37 -6.29
N LEU A 549 -12.28 24.80 -7.33
CA LEU A 549 -11.33 23.72 -7.12
C LEU A 549 -10.05 24.31 -6.54
N ASN A 550 -9.37 25.14 -7.33
CA ASN A 550 -8.18 25.86 -6.87
C ASN A 550 -8.36 26.49 -5.50
N GLU A 551 -9.59 26.89 -5.17
CA GLU A 551 -9.83 27.41 -3.82
C GLU A 551 -9.61 26.31 -2.80
N LEU A 552 -10.42 25.26 -2.87
CA LEU A 552 -10.33 24.13 -1.95
C LEU A 552 -8.90 23.63 -1.88
N ILE A 553 -8.20 23.77 -3.00
CA ILE A 553 -6.83 23.28 -3.15
C ILE A 553 -5.82 24.10 -2.40
N GLU A 554 -6.10 25.38 -2.24
CA GLU A 554 -5.12 26.30 -1.66
C GLU A 554 -5.19 26.22 -0.14
N LYS A 555 -6.39 25.93 0.37
CA LYS A 555 -6.58 25.60 1.78
C LYS A 555 -5.88 24.27 2.16
N GLU A 556 -6.11 23.22 1.39
CA GLU A 556 -5.38 22.00 1.65
C GLU A 556 -3.89 22.30 1.52
N ASN A 557 -3.51 23.21 0.62
CA ASN A 557 -2.11 23.58 0.46
C ASN A 557 -1.47 24.29 1.68
N GLU A 558 -2.26 25.15 2.32
CA GLU A 558 -1.86 25.82 3.56
C GLU A 558 -1.90 24.86 4.73
N MET A 559 -3.02 24.15 4.91
CA MET A 559 -3.20 23.30 6.07
C MET A 559 -2.10 22.28 6.10
N LEU A 560 -1.72 21.85 4.90
CA LEU A 560 -0.72 20.82 4.71
C LEU A 560 0.66 21.34 5.06
N ALA A 561 0.97 22.54 4.59
CA ALA A 561 2.26 23.18 4.88
C ALA A 561 2.38 23.78 6.30
N GLN A 562 1.28 23.84 7.04
CA GLN A 562 1.39 24.19 8.44
C GLN A 562 1.68 22.97 9.26
N ASP A 563 1.27 21.81 8.74
CA ASP A 563 1.60 20.53 9.34
C ASP A 563 3.04 20.24 9.03
N LYS A 564 3.44 20.53 7.80
CA LYS A 564 4.80 20.19 7.42
C LYS A 564 5.82 21.06 8.13
N LEU A 565 5.42 22.23 8.62
CA LEU A 565 6.31 22.97 9.51
C LEU A 565 6.29 22.40 10.95
N VAL A 566 5.09 22.19 11.50
CA VAL A 566 4.89 21.60 12.82
C VAL A 566 5.71 20.34 13.06
N ALA A 567 6.08 19.65 11.99
CA ALA A 567 6.82 18.37 12.10
C ALA A 567 8.29 18.56 11.73
N GLU A 568 8.54 19.54 10.86
CA GLU A 568 9.87 19.92 10.43
C GLU A 568 10.59 20.63 11.57
N THR A 569 9.81 21.04 12.56
CA THR A 569 10.33 21.75 13.73
C THR A 569 10.81 20.73 14.75
N GLU A 570 9.95 19.76 15.05
CA GLU A 570 10.27 18.73 16.04
C GLU A 570 11.35 17.78 15.58
N ASP A 571 11.75 17.89 14.31
CA ASP A 571 12.92 17.18 13.77
C ASP A 571 14.21 17.79 14.31
N ARG A 572 14.27 19.11 14.35
CA ARG A 572 15.45 19.81 14.85
C ARG A 572 15.55 19.67 16.37
N LYS A 573 14.42 19.82 17.04
CA LYS A 573 14.35 19.59 18.47
C LYS A 573 15.00 18.26 18.84
N ASN A 574 15.11 17.39 17.83
CA ASN A 574 15.66 16.03 17.99
C ASN A 574 17.11 16.00 17.50
N THR A 575 17.39 16.60 16.35
CA THR A 575 18.78 16.67 15.89
C THR A 575 19.62 17.35 16.96
N LEU A 576 19.05 18.34 17.63
CA LEU A 576 19.72 18.99 18.75
C LEU A 576 19.93 17.94 19.82
N GLU A 577 18.85 17.58 20.49
CA GLU A 577 18.84 16.59 21.55
C GLU A 577 19.74 15.40 21.27
N GLU A 578 19.71 14.91 20.05
CA GLU A 578 20.54 13.76 19.71
C GLU A 578 21.99 14.20 19.71
N TYR A 579 22.27 15.33 19.09
CA TYR A 579 23.63 15.85 19.08
C TYR A 579 24.17 16.03 20.50
N ILE A 580 23.32 16.46 21.42
CA ILE A 580 23.75 16.66 22.80
C ILE A 580 24.29 15.35 23.36
N TYR A 581 23.46 14.32 23.36
CA TYR A 581 23.85 13.00 23.86
C TYR A 581 25.11 12.45 23.18
N THR A 582 25.09 12.43 21.85
CA THR A 582 26.19 11.83 21.10
C THR A 582 27.50 12.59 21.25
N LEU A 583 27.44 13.82 21.74
CA LEU A 583 28.67 14.62 21.92
C LEU A 583 29.35 14.32 23.27
N ARG A 584 28.59 14.37 24.36
CA ARG A 584 29.10 13.96 25.67
C ARG A 584 29.58 12.50 25.61
N GLY A 585 28.85 11.66 24.89
CA GLY A 585 29.17 10.25 24.78
C GLY A 585 30.36 9.90 23.90
N LYS A 586 31.02 10.93 23.37
CA LYS A 586 32.21 10.73 22.56
C LYS A 586 33.39 11.57 23.06
N LEU A 587 33.11 12.59 23.86
CA LEU A 587 34.17 13.30 24.59
C LEU A 587 34.94 12.30 25.44
N GLU A 588 34.28 11.21 25.80
CA GLU A 588 34.89 10.19 26.62
C GLU A 588 35.34 9.01 25.77
N GLU A 589 34.49 8.56 24.87
CA GLU A 589 34.73 7.31 24.14
C GLU A 589 35.68 7.45 22.94
N GLU A 590 35.95 8.68 22.52
CA GLU A 590 36.81 8.89 21.36
C GLU A 590 37.67 10.13 21.48
N TYR A 591 37.09 11.20 22.01
CA TYR A 591 37.76 12.50 22.01
C TYR A 591 38.57 12.80 23.26
N ALA A 592 38.56 11.93 24.25
CA ALA A 592 39.40 12.14 25.42
C ALA A 592 40.87 12.22 24.98
N PRO A 593 41.37 11.17 24.29
CA PRO A 593 42.73 11.23 23.73
C PRO A 593 42.91 12.35 22.69
N PHE A 594 41.82 12.96 22.20
CA PHE A 594 41.91 13.84 21.03
C PHE A 594 41.51 15.29 21.26
N ALA A 595 40.74 15.55 22.32
CA ALA A 595 40.38 16.91 22.68
C ALA A 595 41.37 17.37 23.73
N SER A 596 41.55 18.68 23.86
CA SER A 596 42.43 19.20 24.91
C SER A 596 41.76 19.02 26.28
N ASP A 597 42.43 19.42 27.35
CA ASP A 597 41.89 19.24 28.69
C ASP A 597 41.09 20.47 29.12
N ALA A 598 41.62 21.65 28.81
CA ALA A 598 40.92 22.90 29.06
C ALA A 598 39.77 23.02 28.06
N GLU A 599 39.91 22.30 26.94
CA GLU A 599 38.88 22.24 25.90
C GLU A 599 37.61 21.51 26.36
N LYS A 600 37.76 20.59 27.31
CA LYS A 600 36.65 19.77 27.78
C LYS A 600 35.67 20.51 28.68
N THR A 601 36.17 21.47 29.48
CA THR A 601 35.30 22.28 30.34
C THR A 601 34.75 23.49 29.58
N LYS A 602 35.09 23.58 28.29
CA LYS A 602 34.51 24.56 27.40
C LYS A 602 33.06 24.16 27.10
N LEU A 603 32.87 22.91 26.67
CA LEU A 603 31.55 22.32 26.58
C LEU A 603 31.23 21.64 27.91
N GLN A 604 30.84 20.36 27.85
CA GLN A 604 30.51 19.49 29.00
C GLN A 604 29.05 19.50 29.55
N GLY A 605 28.53 20.62 30.05
CA GLY A 605 29.20 21.91 30.10
C GLY A 605 28.39 22.98 29.41
N MET A 606 28.61 23.14 28.10
CA MET A 606 27.76 23.99 27.28
C MET A 606 26.58 23.15 26.78
N LEU A 607 26.79 21.84 26.76
CA LEU A 607 25.74 20.86 26.54
C LEU A 607 24.66 21.00 27.59
N ASN A 608 25.07 21.36 28.80
CA ASN A 608 24.19 21.32 29.96
C ASN A 608 23.14 22.43 30.04
N LYS A 609 23.48 23.61 29.55
CA LYS A 609 22.49 24.66 29.41
C LYS A 609 21.57 24.27 28.26
N ALA A 610 22.20 23.87 27.15
CA ALA A 610 21.48 23.40 25.96
C ALA A 610 20.63 22.16 26.28
N GLU A 611 20.92 21.56 27.42
CA GLU A 611 20.16 20.42 27.95
C GLU A 611 18.84 20.87 28.57
N GLU A 612 18.91 21.45 29.76
CA GLU A 612 17.70 21.94 30.42
C GLU A 612 17.06 23.03 29.58
N TRP A 613 17.76 23.43 28.52
CA TRP A 613 17.18 24.34 27.54
C TRP A 613 15.87 23.71 27.04
N LEU A 614 15.95 22.41 26.73
CA LEU A 614 14.84 21.63 26.18
C LEU A 614 13.77 21.30 27.22
N TYR A 615 13.68 22.09 28.29
CA TYR A 615 12.72 21.80 29.35
C TYR A 615 11.82 22.97 29.75
N ASP A 616 12.13 24.16 29.23
CA ASP A 616 11.15 25.26 29.26
C ASP A 616 11.25 26.20 28.03
N GLU A 617 12.46 26.71 27.79
CA GLU A 617 12.70 27.59 26.65
C GLU A 617 13.76 26.98 25.71
N GLY A 618 13.35 26.06 24.83
CA GLY A 618 11.96 25.67 24.74
C GLY A 618 11.69 24.18 24.80
N PHE A 619 10.66 23.83 25.58
CA PHE A 619 10.00 22.53 25.48
C PHE A 619 9.50 22.46 24.05
N ASP A 620 8.77 23.50 23.64
CA ASP A 620 8.49 23.76 22.21
C ASP A 620 8.79 25.22 21.80
N SER A 621 10.01 25.42 21.29
CA SER A 621 10.47 26.73 20.85
C SER A 621 9.98 26.96 19.42
N ILE A 622 10.85 27.49 18.58
CA ILE A 622 10.58 27.65 17.15
C ILE A 622 11.73 27.06 16.34
N LYS A 623 11.41 26.49 15.19
CA LYS A 623 12.41 25.89 14.30
C LYS A 623 13.71 26.73 14.26
N ALA A 624 13.57 28.05 14.39
CA ALA A 624 14.70 28.96 14.30
C ALA A 624 15.76 28.67 15.37
N LYS A 625 15.24 28.42 16.56
CA LYS A 625 16.04 28.25 17.77
C LYS A 625 16.56 26.81 17.99
N TYR A 626 15.84 25.84 17.42
CA TYR A 626 16.27 24.45 17.52
C TYR A 626 17.48 24.16 16.65
N ILE A 627 17.67 24.95 15.60
CA ILE A 627 18.91 24.91 14.82
C ILE A 627 19.85 25.99 15.29
N ALA A 628 19.31 26.99 15.97
CA ALA A 628 20.13 28.06 16.55
C ALA A 628 21.13 27.47 17.52
N LYS A 629 20.61 26.88 18.59
CA LYS A 629 21.44 26.22 19.59
C LYS A 629 22.32 25.15 18.93
N TYR A 630 21.79 24.45 17.94
CA TYR A 630 22.53 23.40 17.25
C TYR A 630 23.77 23.98 16.57
N GLU A 631 23.65 25.18 16.05
CA GLU A 631 24.76 25.86 15.38
C GLU A 631 25.97 25.96 16.30
N GLU A 632 25.86 26.81 17.33
CA GLU A 632 27.00 27.09 18.19
C GLU A 632 27.52 25.86 18.94
N LEU A 633 26.68 24.86 19.13
CA LEU A 633 27.14 23.59 19.70
C LEU A 633 28.03 22.83 18.72
N ALA A 634 27.70 22.95 17.42
CA ALA A 634 28.44 22.27 16.36
C ALA A 634 29.73 23.02 16.03
N SER A 635 29.77 24.30 16.36
CA SER A 635 30.99 25.08 16.20
C SER A 635 32.13 24.39 16.92
N LEU A 636 31.89 24.02 18.18
CA LEU A 636 32.93 23.40 19.01
C LEU A 636 33.13 21.92 18.69
N GLY A 637 32.10 21.31 18.10
CA GLY A 637 32.23 19.95 17.62
C GLY A 637 33.27 19.92 16.52
N ASN A 638 32.82 19.65 15.31
CA ASN A 638 33.70 19.50 14.14
C ASN A 638 35.20 19.61 14.49
N ILE A 639 35.70 20.84 14.61
CA ILE A 639 37.03 21.13 15.16
C ILE A 639 37.74 19.95 15.85
N ILE A 640 37.28 19.62 17.06
CA ILE A 640 37.77 18.46 17.80
C ILE A 640 37.57 17.20 16.98
N ARG A 641 36.31 16.89 16.71
CA ARG A 641 35.92 15.72 15.91
C ARG A 641 36.82 15.49 14.69
N GLY A 642 37.30 16.58 14.07
CA GLY A 642 38.13 16.49 12.89
C GLY A 642 39.61 16.19 13.12
N ARG A 643 40.23 16.92 14.05
CA ARG A 643 41.65 16.71 14.37
C ARG A 643 41.83 15.29 14.88
N TYR A 644 40.70 14.68 15.22
CA TYR A 644 40.61 13.28 15.58
C TYR A 644 40.61 12.40 14.33
N LEU A 645 39.73 12.76 13.38
CA LEU A 645 39.46 11.94 12.20
C LEU A 645 40.60 11.91 11.19
N ALA A 646 41.18 13.08 10.88
CA ALA A 646 42.32 13.14 9.97
C ALA A 646 43.63 12.68 10.67
N LYS A 647 43.55 12.43 11.97
CA LYS A 647 44.73 12.03 12.74
C LYS A 647 44.78 10.55 13.10
N GLU A 648 43.72 9.82 12.78
CA GLU A 648 43.69 8.39 13.02
C GLU A 648 43.41 7.65 11.73
N GLU A 649 42.62 8.30 10.88
CA GLU A 649 42.30 7.83 9.54
C GLU A 649 43.56 7.38 8.79
N GLU A 650 44.50 8.30 8.61
CA GLU A 650 45.75 8.01 7.89
C GLU A 650 46.87 7.67 8.87
N LYS A 651 46.91 8.38 9.99
CA LYS A 651 47.93 8.19 11.01
C LYS A 651 47.72 6.89 11.79
N LYS B 3 -3.76 -31.90 -7.48
CA LYS B 3 -3.65 -30.59 -6.86
C LYS B 3 -2.86 -30.68 -5.52
N GLY B 4 -1.74 -29.93 -5.42
CA GLY B 4 -0.84 -30.03 -4.26
C GLY B 4 0.53 -29.31 -4.26
N PRO B 5 0.52 -28.03 -3.83
CA PRO B 5 1.60 -27.02 -3.90
C PRO B 5 2.60 -27.03 -2.73
N ALA B 6 3.58 -26.14 -2.86
CA ALA B 6 4.76 -26.13 -2.01
C ALA B 6 4.88 -24.84 -1.21
N VAL B 7 4.59 -24.94 0.08
CA VAL B 7 4.59 -23.81 0.97
C VAL B 7 5.95 -23.75 1.72
N GLY B 8 6.33 -22.58 2.23
CA GLY B 8 7.53 -22.45 3.04
C GLY B 8 7.14 -21.91 4.39
N ILE B 9 7.58 -22.55 5.46
CA ILE B 9 7.17 -22.17 6.82
C ILE B 9 8.30 -21.71 7.72
N ASP B 10 8.09 -20.58 8.39
CA ASP B 10 9.02 -20.14 9.41
C ASP B 10 8.45 -20.47 10.79
N LEU B 11 8.94 -21.56 11.36
CA LEU B 11 8.63 -21.92 12.74
C LEU B 11 9.61 -21.19 13.67
N GLY B 12 9.12 -20.11 14.25
CA GLY B 12 9.92 -19.26 15.10
C GLY B 12 9.51 -19.49 16.53
N THR B 13 10.20 -18.83 17.44
CA THR B 13 10.03 -19.14 18.84
C THR B 13 8.66 -18.72 19.36
N THR B 14 8.19 -17.56 18.91
CA THR B 14 6.95 -16.97 19.43
C THR B 14 5.87 -16.73 18.39
N TYR B 15 6.25 -16.63 17.13
CA TYR B 15 5.34 -16.41 16.00
C TYR B 15 5.83 -17.11 14.76
N SER B 16 4.97 -17.92 14.17
CA SER B 16 5.36 -18.53 12.91
C SER B 16 4.64 -17.87 11.72
N CYS B 17 5.37 -17.82 10.63
CA CYS B 17 4.96 -17.19 9.40
C CYS B 17 4.87 -18.29 8.35
N VAL B 18 4.04 -18.11 7.33
CA VAL B 18 3.97 -19.09 6.25
C VAL B 18 3.82 -18.41 4.90
N GLY B 19 4.75 -18.66 3.99
CA GLY B 19 4.70 -18.05 2.67
C GLY B 19 4.47 -19.05 1.54
N VAL B 20 3.93 -18.58 0.41
CA VAL B 20 3.83 -19.41 -0.78
C VAL B 20 4.27 -18.67 -2.03
N PHE B 21 5.04 -19.35 -2.87
CA PHE B 21 5.54 -18.71 -4.06
C PHE B 21 4.63 -18.91 -5.25
N GLN B 22 3.93 -17.84 -5.61
CA GLN B 22 2.96 -17.80 -6.72
C GLN B 22 3.00 -16.41 -7.33
N HIS B 23 3.26 -16.33 -8.65
CA HIS B 23 3.28 -15.04 -9.40
C HIS B 23 4.59 -14.25 -9.34
N GLY B 24 5.70 -14.92 -9.62
CA GLY B 24 7.01 -14.27 -9.59
C GLY B 24 7.50 -13.87 -8.21
N LYS B 25 6.58 -13.65 -7.28
CA LYS B 25 6.96 -13.24 -5.93
C LYS B 25 6.34 -14.17 -4.89
N VAL B 26 6.84 -14.08 -3.66
CA VAL B 26 6.26 -14.85 -2.56
C VAL B 26 5.07 -14.11 -1.99
N GLU B 27 3.95 -14.81 -1.85
CA GLU B 27 2.82 -14.31 -1.08
C GLU B 27 2.94 -14.84 0.35
N ILE B 28 2.82 -13.96 1.33
CA ILE B 28 2.76 -14.39 2.73
C ILE B 28 1.31 -14.57 3.18
N ILE B 29 0.91 -15.77 3.58
CA ILE B 29 -0.50 -16.01 3.90
C ILE B 29 -0.94 -15.48 5.27
N ALA B 30 -2.11 -14.85 5.35
CA ALA B 30 -2.70 -14.38 6.62
C ALA B 30 -3.58 -15.44 7.27
N ASN B 31 -3.72 -15.38 8.59
CA ASN B 31 -4.59 -16.37 9.26
C ASN B 31 -6.02 -15.87 9.34
N ASP B 32 -6.94 -16.76 9.71
CA ASP B 32 -8.37 -16.45 9.63
C ASP B 32 -8.78 -15.37 10.63
N GLN B 33 -7.80 -14.57 11.04
CA GLN B 33 -8.00 -13.43 11.92
C GLN B 33 -7.33 -12.18 11.35
N GLY B 34 -6.80 -12.32 10.14
CA GLY B 34 -6.10 -11.25 9.48
C GLY B 34 -4.59 -11.24 9.71
N ASN B 35 -4.09 -12.05 10.63
CA ASN B 35 -2.68 -11.98 11.02
C ASN B 35 -1.71 -12.78 10.16
N ARG B 36 -0.78 -12.09 9.51
CA ARG B 36 0.28 -12.75 8.74
C ARG B 36 1.16 -13.76 9.55
N THR B 37 1.79 -13.30 10.65
CA THR B 37 2.39 -14.18 11.66
C THR B 37 1.36 -14.70 12.69
N THR B 38 1.52 -15.97 13.05
CA THR B 38 0.67 -16.65 14.01
C THR B 38 1.45 -17.12 15.25
N PRO B 39 0.90 -16.89 16.45
CA PRO B 39 1.71 -17.21 17.65
C PRO B 39 1.97 -18.71 17.82
N SER B 40 3.18 -19.07 18.23
CA SER B 40 3.54 -20.47 18.48
C SER B 40 3.04 -20.97 19.84
N TYR B 41 1.75 -20.81 20.12
CA TYR B 41 1.14 -21.22 21.39
C TYR B 41 0.11 -22.31 21.22
N VAL B 42 0.20 -23.35 22.06
CA VAL B 42 -0.86 -24.34 22.19
C VAL B 42 -1.36 -24.30 23.62
N ALA B 43 -2.68 -24.25 23.82
CA ALA B 43 -3.25 -24.15 25.17
C ALA B 43 -4.32 -25.22 25.42
N PHE B 44 -4.05 -26.13 26.34
CA PHE B 44 -4.97 -27.22 26.61
C PHE B 44 -5.99 -26.87 27.66
N THR B 45 -7.24 -27.26 27.42
CA THR B 45 -8.33 -27.03 28.37
C THR B 45 -9.46 -28.02 28.20
N ASP B 46 -9.82 -28.74 29.27
CA ASP B 46 -11.15 -29.36 29.40
C ASP B 46 -11.86 -29.73 28.07
N THR B 47 -12.65 -28.77 27.54
CA THR B 47 -13.30 -28.89 26.22
C THR B 47 -12.40 -29.41 25.08
N GLU B 48 -11.52 -28.54 24.58
CA GLU B 48 -10.56 -28.87 23.52
C GLU B 48 -9.23 -28.09 23.66
N ARG B 49 -8.32 -28.29 22.69
CA ARG B 49 -7.08 -27.49 22.61
C ARG B 49 -7.13 -26.28 21.65
N LEU B 50 -6.13 -25.41 21.78
CA LEU B 50 -6.14 -24.11 21.12
C LEU B 50 -4.77 -23.74 20.58
N ILE B 51 -4.70 -23.47 19.29
CA ILE B 51 -3.43 -23.21 18.62
C ILE B 51 -3.38 -21.79 18.03
N GLY B 52 -2.28 -21.09 18.27
CA GLY B 52 -2.09 -19.77 17.69
C GLY B 52 -2.70 -18.64 18.51
N ASP B 53 -3.41 -17.75 17.83
CA ASP B 53 -4.06 -16.62 18.49
C ASP B 53 -5.08 -17.08 19.53
N ALA B 54 -5.89 -18.07 19.18
CA ALA B 54 -6.87 -18.60 20.11
C ALA B 54 -6.17 -18.94 21.43
N ALA B 55 -5.04 -19.63 21.34
CA ALA B 55 -4.32 -19.96 22.55
C ALA B 55 -3.76 -18.70 23.24
N LYS B 56 -3.02 -17.87 22.53
CA LYS B 56 -2.39 -16.75 23.20
C LYS B 56 -3.39 -15.75 23.76
N ASN B 57 -4.63 -15.80 23.28
CA ASN B 57 -5.66 -14.90 23.82
C ASN B 57 -6.00 -15.26 25.28
N GLN B 58 -6.16 -16.55 25.54
CA GLN B 58 -6.57 -17.05 26.85
C GLN B 58 -5.42 -17.47 27.76
N VAL B 59 -4.20 -17.12 27.40
CA VAL B 59 -3.13 -17.15 28.38
C VAL B 59 -3.50 -16.14 29.48
N ALA B 60 -3.00 -16.35 30.70
CA ALA B 60 -3.41 -15.56 31.87
C ALA B 60 -4.82 -15.94 32.34
N MET B 61 -5.27 -17.12 31.92
CA MET B 61 -6.53 -17.71 32.38
C MET B 61 -6.31 -19.20 32.25
N ASN B 62 -5.06 -19.52 31.93
CA ASN B 62 -4.59 -20.89 31.80
C ASN B 62 -3.07 -20.97 31.78
N PRO B 63 -2.39 -19.97 32.36
CA PRO B 63 -0.93 -19.89 32.19
C PRO B 63 -0.19 -21.22 32.38
N THR B 64 -0.77 -22.10 33.16
CA THR B 64 -0.12 -23.36 33.56
C THR B 64 -0.49 -24.48 32.59
N ASN B 65 -1.00 -24.08 31.43
CA ASN B 65 -1.56 -25.00 30.42
C ASN B 65 -1.44 -24.50 28.99
N THR B 66 -1.09 -23.22 28.86
CA THR B 66 -0.79 -22.59 27.59
C THR B 66 0.72 -22.70 27.41
N VAL B 67 1.11 -23.65 26.59
CA VAL B 67 2.52 -23.92 26.31
C VAL B 67 3.07 -22.97 25.26
N PHE B 68 4.33 -22.59 25.41
CA PHE B 68 5.02 -21.81 24.39
C PHE B 68 6.55 -22.02 24.45
N ASP B 69 7.29 -21.37 23.55
CA ASP B 69 8.75 -21.52 23.50
C ASP B 69 9.23 -22.97 23.37
N ALA B 70 8.36 -23.86 22.89
CA ALA B 70 8.75 -25.23 22.68
C ALA B 70 9.94 -25.29 21.74
N LYS B 71 10.17 -24.24 20.95
CA LYS B 71 11.32 -24.20 20.05
C LYS B 71 12.59 -24.21 20.89
N ARG B 72 12.51 -23.63 22.09
CA ARG B 72 13.67 -23.53 22.99
C ARG B 72 14.12 -24.85 23.61
N LEU B 73 13.50 -25.95 23.21
CA LEU B 73 13.85 -27.26 23.76
C LEU B 73 13.50 -28.43 22.86
N ILE B 74 13.21 -28.15 21.60
CA ILE B 74 12.91 -29.21 20.67
C ILE B 74 14.23 -29.99 20.42
N GLY B 75 14.13 -31.31 20.40
CA GLY B 75 15.30 -32.18 20.26
C GLY B 75 16.47 -31.90 21.20
N ARG B 76 16.27 -32.07 22.51
CA ARG B 76 17.34 -31.84 23.49
C ARG B 76 17.15 -32.70 24.74
N ARG B 77 18.17 -32.76 25.60
CA ARG B 77 18.13 -33.55 26.82
C ARG B 77 17.68 -32.76 28.07
N PHE B 78 16.79 -33.37 28.87
CA PHE B 78 16.24 -32.72 30.06
C PHE B 78 17.33 -32.05 30.87
N ASP B 79 18.36 -32.81 31.19
CA ASP B 79 19.52 -32.23 31.88
C ASP B 79 20.51 -31.67 30.85
N ASP B 80 20.05 -30.63 30.14
CA ASP B 80 20.85 -29.90 29.16
C ASP B 80 21.35 -28.61 29.81
N ALA B 81 22.49 -28.12 29.33
CA ALA B 81 23.08 -26.88 29.84
C ALA B 81 22.07 -25.71 29.84
N VAL B 82 21.43 -25.53 28.68
CA VAL B 82 20.49 -24.41 28.47
C VAL B 82 19.03 -24.71 28.88
N VAL B 83 18.61 -25.98 28.81
CA VAL B 83 17.26 -26.35 29.22
C VAL B 83 17.08 -26.20 30.72
N GLN B 84 18.21 -26.26 31.43
CA GLN B 84 18.19 -26.09 32.89
C GLN B 84 17.80 -24.68 33.26
N SER B 85 18.53 -23.72 32.70
CA SER B 85 18.24 -22.30 32.86
C SER B 85 16.82 -21.94 32.46
N ASP B 86 16.34 -22.60 31.39
CA ASP B 86 15.04 -22.29 30.80
C ASP B 86 13.85 -22.70 31.68
N MET B 87 13.89 -23.89 32.28
CA MET B 87 12.72 -24.44 32.97
C MET B 87 12.05 -23.43 33.92
N LYS B 88 12.72 -22.30 34.13
CA LYS B 88 12.37 -21.27 35.12
C LYS B 88 11.05 -20.50 34.93
N HIS B 89 10.92 -19.81 33.80
CA HIS B 89 9.74 -18.98 33.54
C HIS B 89 8.46 -19.77 33.23
N TRP B 90 8.55 -20.63 32.22
CA TRP B 90 7.41 -21.39 31.72
C TRP B 90 6.48 -21.89 32.83
N PRO B 91 5.37 -21.17 33.06
CA PRO B 91 4.37 -21.46 34.10
C PRO B 91 3.68 -22.79 33.86
N PHE B 92 4.33 -23.65 33.09
CA PHE B 92 3.86 -25.01 32.85
C PHE B 92 4.91 -26.05 33.25
N MET B 93 4.45 -27.27 33.52
CA MET B 93 5.34 -28.34 34.00
C MET B 93 6.23 -28.94 32.91
N VAL B 94 7.50 -29.11 33.26
CA VAL B 94 8.45 -29.75 32.36
C VAL B 94 9.08 -31.01 32.98
N VAL B 95 8.46 -32.16 32.70
CA VAL B 95 8.88 -33.44 33.24
C VAL B 95 10.08 -34.06 32.49
N ASN B 96 10.38 -35.32 32.82
CA ASN B 96 11.43 -36.09 32.17
C ASN B 96 10.87 -37.46 31.88
N ASP B 97 11.01 -37.92 30.64
CA ASP B 97 10.61 -39.27 30.28
C ASP B 97 11.82 -40.01 29.72
N ALA B 98 12.75 -40.35 30.62
CA ALA B 98 13.98 -41.07 30.29
C ALA B 98 14.95 -40.27 29.41
N GLY B 99 15.54 -39.22 30.00
CA GLY B 99 16.64 -38.48 29.38
C GLY B 99 16.30 -37.18 28.67
N ARG B 100 15.05 -37.09 28.21
CA ARG B 100 14.58 -36.00 27.35
C ARG B 100 13.50 -35.18 28.04
N PRO B 101 13.19 -33.99 27.50
CA PRO B 101 12.23 -33.09 28.13
C PRO B 101 10.87 -33.42 27.59
N LYS B 102 9.85 -33.07 28.33
CA LYS B 102 8.50 -33.37 27.93
C LYS B 102 7.67 -32.41 28.75
N VAL B 103 6.71 -31.76 28.10
CA VAL B 103 5.91 -30.76 28.80
C VAL B 103 4.59 -31.38 29.23
N GLN B 104 4.06 -30.91 30.37
CA GLN B 104 2.95 -31.59 31.01
C GLN B 104 1.80 -30.66 31.38
N VAL B 105 0.57 -31.12 31.12
CA VAL B 105 -0.60 -30.21 31.07
C VAL B 105 -1.93 -30.74 31.61
N GLU B 106 -2.97 -29.92 31.47
CA GLU B 106 -4.31 -30.19 31.99
C GLU B 106 -5.34 -30.57 30.93
N TYR B 107 -4.93 -31.09 29.78
CA TYR B 107 -5.88 -31.27 28.68
C TYR B 107 -7.07 -32.14 29.06
N LYS B 108 -8.24 -31.51 29.19
CA LYS B 108 -9.48 -32.18 29.59
C LYS B 108 -9.57 -32.37 31.11
N GLY B 109 -8.85 -31.52 31.85
CA GLY B 109 -8.93 -31.47 33.31
C GLY B 109 -7.81 -32.12 34.11
N GLU B 110 -7.26 -33.23 33.62
CA GLU B 110 -6.27 -34.03 34.37
C GLU B 110 -4.82 -33.89 33.87
N THR B 111 -4.14 -35.03 33.72
CA THR B 111 -2.78 -35.01 33.21
C THR B 111 -2.59 -35.73 31.87
N LYS B 112 -1.80 -35.08 31.02
CA LYS B 112 -1.19 -35.65 29.82
C LYS B 112 0.12 -34.88 29.61
N SER B 113 1.04 -35.46 28.85
CA SER B 113 2.29 -34.78 28.57
C SER B 113 2.76 -35.07 27.15
N PHE B 114 3.19 -34.01 26.48
CA PHE B 114 3.57 -34.07 25.08
C PHE B 114 5.03 -33.66 24.94
N TYR B 115 5.72 -34.25 23.97
CA TYR B 115 7.08 -33.85 23.65
C TYR B 115 7.05 -32.50 22.98
N PRO B 116 8.18 -31.79 22.96
CA PRO B 116 8.38 -30.57 22.17
C PRO B 116 7.95 -30.78 20.71
N GLU B 117 8.56 -31.73 20.02
CA GLU B 117 8.22 -31.99 18.63
C GLU B 117 6.70 -32.14 18.45
N GLU B 118 6.01 -32.56 19.50
CA GLU B 118 4.56 -32.68 19.42
C GLU B 118 3.85 -31.32 19.50
N VAL B 119 4.25 -30.49 20.47
CA VAL B 119 3.76 -29.13 20.55
C VAL B 119 4.08 -28.40 19.25
N SER B 120 5.35 -28.34 18.87
CA SER B 120 5.75 -27.69 17.61
C SER B 120 5.01 -28.25 16.39
N SER B 121 4.71 -29.55 16.41
CA SER B 121 4.04 -30.18 15.28
C SER B 121 2.58 -29.76 15.16
N MET B 122 1.90 -29.56 16.29
CA MET B 122 0.51 -29.12 16.24
C MET B 122 0.41 -27.60 16.00
N VAL B 123 1.56 -26.92 15.98
CA VAL B 123 1.61 -25.54 15.52
C VAL B 123 1.65 -25.54 13.99
N LEU B 124 2.54 -26.35 13.42
CA LEU B 124 2.61 -26.49 11.97
C LEU B 124 1.28 -26.95 11.43
N THR B 125 0.59 -27.77 12.18
CA THR B 125 -0.68 -28.21 11.69
C THR B 125 -1.55 -26.98 11.36
N LYS B 126 -1.63 -26.02 12.29
CA LYS B 126 -2.38 -24.77 12.05
C LYS B 126 -1.82 -24.00 10.86
N MET B 127 -0.48 -23.84 10.80
CA MET B 127 0.18 -23.23 9.63
C MET B 127 -0.16 -23.96 8.32
N LYS B 128 -0.19 -25.29 8.38
CA LYS B 128 -0.71 -26.09 7.28
C LYS B 128 -2.12 -25.62 6.98
N GLU B 129 -3.06 -25.93 7.87
CA GLU B 129 -4.41 -25.40 7.77
C GLU B 129 -4.49 -24.00 7.13
N ILE B 130 -3.75 -23.03 7.69
CA ILE B 130 -3.76 -21.63 7.20
C ILE B 130 -3.39 -21.51 5.73
N ALA B 131 -2.38 -22.30 5.33
CA ALA B 131 -1.97 -22.41 3.94
C ALA B 131 -3.13 -22.98 3.13
N GLU B 132 -3.70 -24.07 3.62
CA GLU B 132 -4.74 -24.77 2.88
C GLU B 132 -5.97 -23.91 2.59
N ALA B 133 -6.28 -23.00 3.53
CA ALA B 133 -7.44 -22.12 3.39
C ALA B 133 -7.31 -21.21 2.17
N TYR B 134 -6.19 -20.50 2.17
CA TYR B 134 -5.87 -19.52 1.17
C TYR B 134 -5.70 -20.13 -0.22
N LEU B 135 -5.12 -21.34 -0.27
CA LEU B 135 -4.63 -21.90 -1.52
C LEU B 135 -5.67 -22.70 -2.23
N GLY B 136 -6.67 -23.14 -1.49
CA GLY B 136 -7.80 -23.83 -2.08
C GLY B 136 -7.70 -25.35 -2.03
N LYS B 137 -6.65 -25.89 -2.64
CA LYS B 137 -6.35 -27.31 -2.56
C LYS B 137 -5.67 -27.64 -1.22
N THR B 138 -5.26 -28.90 -0.99
CA THR B 138 -4.50 -29.24 0.23
C THR B 138 -2.98 -29.11 0.09
N VAL B 139 -2.33 -28.93 1.24
CA VAL B 139 -0.90 -28.67 1.33
C VAL B 139 -0.14 -29.77 2.05
N THR B 140 0.86 -30.31 1.37
CA THR B 140 1.68 -31.35 1.95
C THR B 140 3.18 -30.98 1.94
N ASN B 141 3.77 -30.66 0.79
CA ASN B 141 5.20 -30.28 0.76
C ASN B 141 5.52 -28.95 1.39
N ALA B 142 6.45 -28.95 2.34
CA ALA B 142 6.89 -27.72 2.98
C ALA B 142 8.40 -27.69 3.17
N VAL B 143 8.96 -26.49 3.13
CA VAL B 143 10.31 -26.31 3.59
C VAL B 143 10.22 -25.63 4.95
N VAL B 144 10.74 -26.25 6.00
CA VAL B 144 10.65 -25.64 7.32
C VAL B 144 12.03 -25.11 7.74
N THR B 145 12.07 -23.95 8.41
CA THR B 145 13.37 -23.33 8.75
C THR B 145 13.81 -23.54 10.20
N VAL B 146 15.12 -23.42 10.41
CA VAL B 146 15.71 -23.51 11.74
C VAL B 146 16.95 -22.61 11.80
N PRO B 147 17.33 -22.18 13.00
CA PRO B 147 18.52 -21.33 13.16
C PRO B 147 19.81 -22.08 12.85
N ALA B 148 20.73 -21.41 12.15
CA ALA B 148 22.06 -21.96 11.80
C ALA B 148 22.74 -22.76 12.91
N TYR B 149 22.49 -22.38 14.16
CA TYR B 149 23.18 -22.96 15.31
C TYR B 149 22.48 -24.22 15.84
N PHE B 150 21.48 -24.72 15.13
CA PHE B 150 20.84 -25.96 15.55
C PHE B 150 21.74 -27.17 15.30
N ASN B 151 21.64 -28.15 16.21
CA ASN B 151 22.40 -29.38 16.03
C ASN B 151 21.51 -30.47 15.49
N ASP B 152 22.13 -31.50 14.91
CA ASP B 152 21.39 -32.51 14.16
C ASP B 152 20.21 -33.13 14.88
N SER B 153 20.19 -33.03 16.21
CA SER B 153 19.16 -33.70 17.00
C SER B 153 17.89 -32.89 17.09
N GLN B 154 18.04 -31.60 17.40
CA GLN B 154 16.93 -30.65 17.41
C GLN B 154 16.54 -30.35 15.95
N ARG B 155 17.53 -30.23 15.07
CA ARG B 155 17.27 -30.06 13.65
C ARG B 155 16.42 -31.22 13.11
N GLN B 156 16.66 -32.43 13.62
CA GLN B 156 15.84 -33.60 13.30
C GLN B 156 14.44 -33.52 13.90
N ALA B 157 14.35 -33.31 15.22
CA ALA B 157 13.06 -33.25 15.90
C ALA B 157 12.13 -32.25 15.23
N THR B 158 12.73 -31.29 14.53
CA THR B 158 11.97 -30.29 13.79
C THR B 158 11.29 -30.94 12.56
N LYS B 159 12.09 -31.64 11.76
CA LYS B 159 11.58 -32.45 10.66
C LYS B 159 10.56 -33.50 11.12
N ASP B 160 10.57 -33.84 12.41
CA ASP B 160 9.58 -34.76 13.00
C ASP B 160 8.26 -34.02 13.20
N ALA B 161 8.33 -32.90 13.92
CA ALA B 161 7.18 -32.01 14.05
C ALA B 161 6.50 -31.96 12.70
N GLY B 162 7.29 -31.66 11.67
CA GLY B 162 6.79 -31.62 10.31
C GLY B 162 5.92 -32.80 9.98
N THR B 163 6.55 -33.96 9.89
CA THR B 163 5.86 -35.18 9.47
C THR B 163 4.74 -35.65 10.44
N ILE B 164 4.92 -35.40 11.73
CA ILE B 164 3.89 -35.70 12.72
C ILE B 164 2.65 -34.88 12.41
N ALA B 165 2.89 -33.74 11.76
CA ALA B 165 1.85 -32.80 11.36
C ALA B 165 1.38 -33.09 9.93
N GLY B 166 1.85 -34.18 9.36
CA GLY B 166 1.37 -34.59 8.05
C GLY B 166 2.03 -33.85 6.91
N LEU B 167 3.05 -33.04 7.23
CA LEU B 167 3.83 -32.33 6.22
C LEU B 167 4.84 -33.26 5.65
N ASN B 168 5.14 -33.08 4.38
CA ASN B 168 6.26 -33.76 3.78
C ASN B 168 7.37 -32.74 3.73
N VAL B 169 8.19 -32.72 4.78
CA VAL B 169 9.24 -31.69 4.92
C VAL B 169 10.31 -31.88 3.84
N LEU B 170 10.10 -31.30 2.68
CA LEU B 170 11.04 -31.41 1.57
C LEU B 170 12.50 -31.21 2.00
N ARG B 171 12.74 -30.18 2.80
CA ARG B 171 14.09 -29.85 3.24
C ARG B 171 14.05 -28.96 4.48
N ILE B 172 14.94 -29.18 5.46
CA ILE B 172 15.13 -28.23 6.57
C ILE B 172 16.24 -27.23 6.21
N ILE B 173 16.02 -25.93 6.41
CA ILE B 173 17.07 -24.93 6.09
C ILE B 173 17.28 -23.81 7.11
N ASN B 174 18.47 -23.20 7.06
CA ASN B 174 18.85 -22.15 8.01
C ASN B 174 17.98 -20.91 7.89
N GLU B 175 17.71 -20.29 9.03
CA GLU B 175 17.04 -19.02 9.00
C GLU B 175 17.90 -18.00 8.26
N PRO B 176 19.19 -17.90 8.61
CA PRO B 176 20.07 -16.98 7.86
C PRO B 176 20.11 -17.27 6.35
N THR B 177 20.11 -18.54 5.95
CA THR B 177 20.22 -18.85 4.53
C THR B 177 18.87 -18.65 3.83
N ALA B 178 17.78 -18.91 4.52
CA ALA B 178 16.46 -18.59 3.97
C ALA B 178 16.39 -17.11 3.59
N ALA B 179 16.78 -16.22 4.50
CA ALA B 179 16.75 -14.79 4.22
C ALA B 179 17.66 -14.35 3.06
N ALA B 180 18.87 -14.91 2.98
CA ALA B 180 19.77 -14.56 1.89
C ALA B 180 19.13 -15.01 0.60
N ILE B 181 18.44 -16.14 0.67
CA ILE B 181 17.70 -16.66 -0.49
C ILE B 181 16.71 -15.60 -1.01
N ALA B 182 15.84 -15.14 -0.11
CA ALA B 182 14.80 -14.16 -0.40
C ALA B 182 15.33 -12.99 -1.23
N TYR B 183 16.48 -12.45 -0.84
CA TYR B 183 17.08 -11.32 -1.56
C TYR B 183 17.96 -11.84 -2.70
N GLY B 184 17.95 -13.17 -2.90
CA GLY B 184 18.58 -13.81 -4.06
C GLY B 184 20.05 -13.43 -4.38
N LEU B 185 20.88 -13.42 -3.33
CA LEU B 185 22.31 -13.29 -3.43
C LEU B 185 22.93 -14.58 -4.01
N ASP B 186 22.36 -15.73 -3.70
CA ASP B 186 22.82 -16.96 -4.34
C ASP B 186 22.53 -16.93 -5.83
N LYS B 187 22.33 -15.74 -6.40
CA LYS B 187 22.10 -15.61 -7.84
C LYS B 187 22.83 -14.40 -8.41
N LYS B 188 23.81 -13.90 -7.67
CA LYS B 188 24.58 -12.72 -8.08
C LYS B 188 25.92 -13.18 -8.68
N VAL B 189 26.41 -12.41 -9.66
CA VAL B 189 27.50 -12.84 -10.55
C VAL B 189 28.79 -13.33 -9.87
N GLY B 190 29.22 -14.53 -10.29
CA GLY B 190 30.35 -15.28 -9.76
C GLY B 190 30.94 -14.85 -8.41
N ALA B 191 32.27 -14.94 -8.35
CA ALA B 191 33.05 -14.77 -7.11
C ALA B 191 32.48 -15.56 -5.95
N GLU B 192 33.18 -15.50 -4.82
CA GLU B 192 32.67 -16.08 -3.60
C GLU B 192 32.11 -14.95 -2.77
N ARG B 193 30.91 -15.17 -2.23
CA ARG B 193 30.18 -14.12 -1.51
C ARG B 193 30.13 -14.32 -0.03
N ASN B 194 30.43 -13.24 0.68
CA ASN B 194 30.26 -13.22 2.11
C ASN B 194 29.07 -12.35 2.45
N VAL B 195 28.22 -12.88 3.31
CA VAL B 195 26.95 -12.25 3.64
C VAL B 195 26.69 -12.38 5.14
N LEU B 196 26.22 -11.29 5.74
CA LEU B 196 25.91 -11.25 7.17
C LEU B 196 24.40 -11.03 7.38
N ILE B 197 23.74 -12.00 7.98
CA ILE B 197 22.35 -11.82 8.39
C ILE B 197 22.38 -11.13 9.75
N PHE B 198 21.46 -10.20 10.01
CA PHE B 198 21.42 -9.48 11.28
C PHE B 198 20.05 -9.61 11.92
N ASP B 199 19.72 -10.80 12.44
CA ASP B 199 18.36 -11.12 12.84
C ASP B 199 17.95 -10.61 14.24
N LEU B 200 17.38 -9.41 14.32
CA LEU B 200 16.85 -8.90 15.60
C LEU B 200 15.33 -9.03 15.74
N GLY B 201 14.92 -10.11 16.39
CA GLY B 201 13.51 -10.30 16.68
C GLY B 201 12.93 -9.34 17.72
N GLY B 202 11.81 -9.74 18.33
CA GLY B 202 11.27 -9.06 19.49
C GLY B 202 11.86 -9.56 20.80
N GLY B 203 12.75 -10.57 20.75
CA GLY B 203 13.28 -11.19 21.97
C GLY B 203 14.37 -12.25 21.81
N THR B 204 14.94 -12.29 20.61
CA THR B 204 16.09 -13.12 20.27
C THR B 204 16.92 -12.29 19.29
N PHE B 205 18.24 -12.41 19.34
CA PHE B 205 19.11 -11.72 18.39
C PHE B 205 20.05 -12.78 17.84
N ASP B 206 20.51 -12.62 16.62
CA ASP B 206 21.24 -13.67 15.92
C ASP B 206 22.03 -13.09 14.78
N VAL B 207 23.34 -13.04 14.89
CA VAL B 207 24.15 -12.69 13.74
C VAL B 207 24.63 -13.99 13.17
N SER B 208 24.74 -14.07 11.84
CA SER B 208 25.20 -15.28 11.14
C SER B 208 25.96 -14.84 9.89
N ILE B 209 27.09 -15.48 9.58
CA ILE B 209 27.84 -15.15 8.35
C ILE B 209 27.94 -16.32 7.37
N LEU B 210 27.39 -16.14 6.18
CA LEU B 210 27.40 -17.22 5.19
C LEU B 210 28.31 -16.93 4.00
N THR B 211 28.80 -18.01 3.42
CA THR B 211 29.64 -17.97 2.20
C THR B 211 28.93 -18.77 1.11
N ILE B 212 28.76 -18.12 -0.05
CA ILE B 212 28.07 -18.74 -1.17
C ILE B 212 28.91 -18.72 -2.43
N GLU B 213 29.24 -19.91 -2.95
CA GLU B 213 29.72 -20.04 -4.34
C GLU B 213 28.79 -20.98 -5.11
N ASP B 214 28.37 -20.53 -6.29
CA ASP B 214 27.44 -21.30 -7.12
C ASP B 214 26.17 -21.66 -6.37
N GLY B 215 25.68 -20.72 -5.55
CA GLY B 215 24.44 -20.90 -4.83
C GLY B 215 24.44 -22.07 -3.84
N ILE B 216 25.62 -22.44 -3.38
CA ILE B 216 25.75 -23.46 -2.33
C ILE B 216 26.12 -22.76 -1.01
N PHE B 217 25.33 -23.02 0.02
CA PHE B 217 25.42 -22.24 1.26
C PHE B 217 26.33 -22.83 2.35
N GLU B 218 27.49 -22.20 2.47
CA GLU B 218 28.49 -22.55 3.47
C GLU B 218 28.34 -21.61 4.69
N VAL B 219 28.00 -22.19 5.85
CA VAL B 219 27.69 -21.40 7.05
C VAL B 219 28.89 -21.05 7.92
N LYS B 220 29.58 -19.96 7.61
CA LYS B 220 30.82 -19.63 8.31
C LYS B 220 30.76 -19.51 9.85
N SER B 221 29.97 -18.58 10.40
CA SER B 221 29.94 -18.42 11.87
C SER B 221 28.67 -17.81 12.46
N THR B 222 28.34 -18.18 13.70
CA THR B 222 27.20 -17.61 14.42
C THR B 222 27.50 -17.02 15.80
N ALA B 223 27.08 -15.77 15.98
CA ALA B 223 27.17 -15.03 17.25
C ALA B 223 25.76 -14.63 17.65
N GLY B 224 25.59 -14.01 18.81
CA GLY B 224 24.25 -13.53 19.13
C GLY B 224 23.87 -13.06 20.51
N ASP B 225 22.67 -13.44 20.93
CA ASP B 225 22.14 -13.14 22.25
C ASP B 225 20.77 -13.74 22.38
N THR B 226 20.66 -14.71 23.25
CA THR B 226 19.42 -15.44 23.47
C THR B 226 18.21 -14.60 23.83
N HIS B 227 18.38 -13.60 24.68
CA HIS B 227 17.22 -12.84 25.16
C HIS B 227 17.33 -11.32 24.94
N LEU B 228 17.36 -10.92 23.67
CA LEU B 228 17.57 -9.52 23.31
C LEU B 228 16.73 -9.18 22.11
N GLY B 229 15.87 -8.18 22.25
CA GLY B 229 15.05 -7.71 21.15
C GLY B 229 13.92 -6.80 21.58
N GLY B 230 13.21 -6.23 20.60
CA GLY B 230 12.02 -5.43 20.85
C GLY B 230 11.63 -5.32 22.31
N GLU B 231 11.08 -6.39 22.85
CA GLU B 231 10.57 -6.40 24.21
C GLU B 231 11.48 -5.70 25.22
N ASP B 232 12.77 -5.66 24.92
CA ASP B 232 13.75 -5.07 25.81
C ASP B 232 13.71 -3.56 25.73
N PHE B 233 13.71 -3.03 24.51
CA PHE B 233 13.70 -1.59 24.31
C PHE B 233 12.40 -1.04 24.85
N ASP B 234 11.36 -1.88 24.82
CA ASP B 234 10.06 -1.53 25.40
C ASP B 234 10.24 -1.27 26.89
N ASN B 235 10.73 -2.30 27.58
CA ASN B 235 11.03 -2.20 28.98
C ASN B 235 11.68 -0.89 29.41
N ARG B 236 12.74 -0.45 28.70
CA ARG B 236 13.42 0.80 29.06
C ARG B 236 12.41 1.95 29.13
N MET B 237 11.60 2.05 28.08
CA MET B 237 10.55 3.02 28.03
C MET B 237 9.60 2.89 29.22
N VAL B 238 9.03 1.71 29.40
CA VAL B 238 8.13 1.50 30.53
C VAL B 238 8.77 2.00 31.82
N ASN B 239 9.88 1.42 32.20
CA ASN B 239 10.62 1.93 33.36
C ASN B 239 10.61 3.45 33.36
N HIS B 240 11.28 4.05 32.39
CA HIS B 240 11.38 5.51 32.22
C HIS B 240 10.09 6.30 32.44
N PHE B 241 8.97 5.72 32.04
CA PHE B 241 7.68 6.39 32.19
C PHE B 241 7.08 6.20 33.57
N ILE B 242 7.34 5.08 34.24
CA ILE B 242 6.97 4.98 35.65
C ILE B 242 7.76 6.01 36.51
N ALA B 243 9.01 6.30 36.13
CA ALA B 243 9.74 7.43 36.67
C ALA B 243 8.83 8.62 36.61
N GLU B 244 8.43 8.93 35.38
CA GLU B 244 7.72 10.15 35.08
C GLU B 244 6.36 10.21 35.77
N PHE B 245 5.59 9.13 35.68
CA PHE B 245 4.31 9.09 36.36
C PHE B 245 4.45 9.21 37.87
N LYS B 246 5.33 8.42 38.48
CA LYS B 246 5.51 8.48 39.93
C LYS B 246 5.86 9.88 40.37
N ARG B 247 6.76 10.53 39.63
CA ARG B 247 7.17 11.93 39.87
C ARG B 247 6.01 12.93 39.72
N LYS B 248 5.51 13.07 38.49
CA LYS B 248 4.43 14.00 38.21
C LYS B 248 3.10 13.73 38.95
N HIS B 249 3.05 12.75 39.84
CA HIS B 249 1.75 12.37 40.39
C HIS B 249 1.82 11.70 41.77
N LYS B 250 3.03 11.51 42.27
CA LYS B 250 3.21 11.00 43.62
C LYS B 250 2.77 9.54 43.75
N LYS B 251 1.85 9.10 42.89
CA LYS B 251 1.43 7.70 42.86
C LYS B 251 2.46 6.87 42.09
N ASP B 252 2.69 5.64 42.54
CA ASP B 252 3.57 4.73 41.81
C ASP B 252 2.72 3.56 41.33
N ILE B 253 2.81 3.25 40.04
CA ILE B 253 1.91 2.27 39.46
C ILE B 253 2.43 0.84 39.53
N SER B 254 3.74 0.69 39.73
CA SER B 254 4.46 -0.58 39.61
C SER B 254 3.74 -1.84 40.13
N GLU B 255 2.73 -1.67 40.96
CA GLU B 255 2.03 -2.83 41.50
C GLU B 255 0.81 -3.20 40.67
N ASN B 256 0.60 -2.49 39.58
CA ASN B 256 -0.64 -2.65 38.83
C ASN B 256 -0.45 -3.45 37.53
N LYS B 257 -0.76 -4.74 37.61
CA LYS B 257 -0.65 -5.66 36.47
C LYS B 257 -1.47 -5.25 35.24
N ARG B 258 -2.38 -4.31 35.40
CA ARG B 258 -3.08 -3.79 34.23
C ARG B 258 -2.47 -2.46 33.76
N ALA B 259 -2.30 -1.53 34.71
CA ALA B 259 -1.74 -0.24 34.36
C ALA B 259 -0.34 -0.33 33.77
N VAL B 260 0.48 -1.25 34.27
CA VAL B 260 1.80 -1.45 33.68
C VAL B 260 1.68 -2.00 32.27
N ARG B 261 0.74 -2.93 32.08
CA ARG B 261 0.43 -3.49 30.75
C ARG B 261 0.05 -2.40 29.73
N ARG B 262 -0.89 -1.55 30.10
CA ARG B 262 -1.33 -0.46 29.24
C ARG B 262 -0.23 0.56 28.91
N LEU B 263 0.65 0.81 29.87
CA LEU B 263 1.76 1.71 29.62
C LEU B 263 2.74 1.04 28.69
N ARG B 264 2.76 -0.30 28.74
CA ARG B 264 3.65 -1.10 27.88
C ARG B 264 3.16 -1.05 26.44
N THR B 265 1.90 -1.42 26.24
CA THR B 265 1.31 -1.40 24.90
C THR B 265 1.62 -0.07 24.25
N ALA B 266 1.46 1.00 25.02
CA ALA B 266 1.64 2.35 24.53
C ALA B 266 3.07 2.64 24.09
N CYS B 267 4.04 2.08 24.81
CA CYS B 267 5.44 2.38 24.53
C CYS B 267 5.89 1.69 23.25
N GLU B 268 5.33 0.50 23.02
CA GLU B 268 5.66 -0.29 21.84
C GLU B 268 5.13 0.41 20.63
N ARG B 269 3.93 0.96 20.76
CA ARG B 269 3.36 1.72 19.67
C ARG B 269 4.22 2.93 19.40
N ALA B 270 4.59 3.65 20.45
CA ALA B 270 5.42 4.86 20.33
C ALA B 270 6.77 4.54 19.67
N LYS B 271 7.33 3.41 20.06
CA LYS B 271 8.59 2.90 19.55
C LYS B 271 8.53 2.78 18.05
N ARG B 272 7.47 2.10 17.58
CA ARG B 272 7.23 1.93 16.16
C ARG B 272 7.09 3.30 15.45
N THR B 273 6.32 4.19 16.06
CA THR B 273 6.21 5.57 15.60
C THR B 273 7.58 6.21 15.45
N LEU B 274 8.48 5.94 16.39
CA LEU B 274 9.78 6.62 16.44
C LEU B 274 10.79 6.14 15.39
N SER B 275 10.44 5.08 14.67
CA SER B 275 11.29 4.63 13.56
C SER B 275 10.96 5.39 12.28
N SER B 276 9.82 6.09 12.27
CA SER B 276 9.38 6.92 11.15
C SER B 276 9.34 8.41 11.45
N SER B 277 8.89 8.75 12.65
CA SER B 277 8.84 10.14 13.07
C SER B 277 10.02 10.41 14.04
N THR B 278 10.23 11.68 14.41
CA THR B 278 11.22 12.02 15.45
C THR B 278 10.55 12.31 16.78
N GLN B 279 9.22 12.34 16.81
CA GLN B 279 8.50 12.38 18.08
C GLN B 279 7.44 11.31 18.09
N ALA B 280 6.89 11.04 19.27
CA ALA B 280 5.82 10.06 19.45
C ALA B 280 4.93 10.56 20.58
N SER B 281 3.80 9.92 20.81
CA SER B 281 3.00 10.34 21.96
C SER B 281 2.31 9.21 22.68
N ILE B 282 2.21 9.37 23.99
CA ILE B 282 1.61 8.39 24.89
C ILE B 282 0.41 9.07 25.54
N GLU B 283 -0.77 8.49 25.35
CA GLU B 283 -1.97 9.09 25.94
C GLU B 283 -2.92 8.04 26.46
N ILE B 284 -2.65 7.46 27.64
CA ILE B 284 -3.60 6.51 28.22
C ILE B 284 -4.63 7.23 29.07
N ASP B 285 -5.88 7.19 28.63
CA ASP B 285 -7.02 7.72 29.38
C ASP B 285 -7.13 6.94 30.68
N SER B 286 -6.99 7.63 31.82
CA SER B 286 -7.18 6.99 33.12
C SER B 286 -6.26 5.78 33.36
N LEU B 287 -4.98 6.06 33.58
CA LEU B 287 -3.98 5.01 33.80
C LEU B 287 -4.07 4.39 35.19
N TYR B 288 -3.95 5.22 36.21
CA TYR B 288 -3.94 4.79 37.61
C TYR B 288 -4.78 5.74 38.45
N GLU B 289 -5.58 5.20 39.35
CA GLU B 289 -6.42 5.99 40.28
C GLU B 289 -7.21 7.09 39.56
N GLY B 290 -7.73 6.76 38.38
CA GLY B 290 -8.49 7.70 37.58
C GLY B 290 -7.66 8.76 36.89
N ILE B 291 -6.35 8.77 37.14
CA ILE B 291 -5.51 9.82 36.56
C ILE B 291 -5.21 9.56 35.09
N ASP B 292 -5.04 10.65 34.35
CA ASP B 292 -4.73 10.53 32.95
C ASP B 292 -3.24 10.76 32.73
N PHE B 293 -2.65 9.83 32.00
CA PHE B 293 -1.28 10.00 31.56
C PHE B 293 -1.29 10.42 30.09
N TYR B 294 -0.91 11.66 29.81
CA TYR B 294 -0.68 12.07 28.43
C TYR B 294 0.70 12.68 28.39
N THR B 295 1.63 12.05 27.70
CA THR B 295 2.95 12.66 27.48
C THR B 295 3.49 12.37 26.09
N SER B 296 4.64 12.94 25.80
CA SER B 296 5.34 12.64 24.58
C SER B 296 6.67 11.99 24.92
N ILE B 297 7.42 11.63 23.89
CA ILE B 297 8.79 11.18 24.03
C ILE B 297 9.50 11.42 22.70
N THR B 298 10.70 11.98 22.76
CA THR B 298 11.46 12.21 21.55
C THR B 298 12.28 10.95 21.16
N ARG B 299 12.72 10.87 19.90
CA ARG B 299 13.43 9.70 19.39
C ARG B 299 14.84 9.66 19.98
N ALA B 300 15.47 10.83 20.06
CA ALA B 300 16.78 10.93 20.69
C ALA B 300 16.72 10.48 22.14
N ARG B 301 15.61 10.80 22.83
CA ARG B 301 15.39 10.30 24.18
C ARG B 301 15.18 8.84 24.18
N PHE B 302 14.50 8.33 23.15
CA PHE B 302 14.37 6.87 23.02
C PHE B 302 15.70 6.12 22.76
N GLU B 303 16.38 6.49 21.68
CA GLU B 303 17.74 6.00 21.41
C GLU B 303 18.64 6.13 22.65
N GLU B 304 18.38 7.11 23.51
CA GLU B 304 19.21 7.27 24.70
C GLU B 304 18.97 6.17 25.72
N LEU B 305 17.73 5.97 26.16
CA LEU B 305 17.40 4.81 27.02
C LEU B 305 17.99 3.44 26.57
N ASN B 306 18.38 3.34 25.30
CA ASN B 306 18.86 2.07 24.81
C ASN B 306 20.20 2.23 24.17
N ALA B 307 20.91 3.31 24.46
CA ALA B 307 22.27 3.44 23.97
C ALA B 307 23.09 2.17 24.23
N ASP B 308 23.01 1.67 25.46
CA ASP B 308 23.72 0.45 25.85
C ASP B 308 23.24 -0.74 25.04
N LEU B 309 21.93 -0.84 24.83
CA LEU B 309 21.36 -2.00 24.19
C LEU B 309 21.67 -1.98 22.70
N PHE B 310 21.46 -0.83 22.05
CA PHE B 310 21.66 -0.78 20.62
C PHE B 310 23.10 -1.06 20.33
N ARG B 311 23.95 -0.12 20.72
CA ARG B 311 25.36 -0.25 20.43
C ARG B 311 25.86 -1.68 20.66
N GLY B 312 25.35 -2.33 21.69
CA GLY B 312 25.71 -3.70 22.02
C GLY B 312 25.35 -4.74 20.97
N THR B 313 24.53 -4.37 20.00
CA THR B 313 24.25 -5.33 18.92
C THR B 313 25.49 -5.46 18.01
N LEU B 314 26.39 -4.48 18.08
CA LEU B 314 27.62 -4.57 17.31
C LEU B 314 28.56 -5.67 17.82
N ASP B 315 28.32 -6.20 19.02
CA ASP B 315 29.23 -7.17 19.64
C ASP B 315 29.24 -8.56 18.99
N PRO B 316 28.05 -9.19 18.85
CA PRO B 316 28.05 -10.45 18.10
C PRO B 316 28.51 -10.27 16.67
N VAL B 317 28.47 -9.05 16.17
CA VAL B 317 29.06 -8.84 14.87
C VAL B 317 30.58 -9.07 14.95
N GLU B 318 31.27 -8.47 15.92
CA GLU B 318 32.72 -8.64 15.93
C GLU B 318 33.10 -10.07 16.23
N LYS B 319 32.30 -10.74 17.08
CA LYS B 319 32.58 -12.11 17.49
C LYS B 319 32.21 -13.15 16.44
N ALA B 320 31.53 -12.68 15.37
CA ALA B 320 31.18 -13.53 14.23
C ALA B 320 32.15 -13.22 13.11
N LEU B 321 32.50 -11.95 12.98
CA LEU B 321 33.52 -11.53 12.04
C LEU B 321 34.84 -12.23 12.35
N ARG B 322 35.14 -12.38 13.64
CA ARG B 322 36.34 -13.06 14.09
C ARG B 322 36.25 -14.55 13.92
N ASP B 323 35.31 -15.19 14.60
CA ASP B 323 35.22 -16.65 14.58
C ASP B 323 35.22 -17.17 13.15
N ALA B 324 34.82 -16.31 12.21
CA ALA B 324 34.76 -16.71 10.80
C ALA B 324 35.99 -16.24 10.04
N LYS B 325 37.01 -15.79 10.78
CA LYS B 325 38.30 -15.45 10.20
C LYS B 325 38.19 -14.41 9.08
N LEU B 326 37.34 -13.41 9.27
CA LEU B 326 37.08 -12.44 8.20
C LEU B 326 37.10 -11.01 8.70
N ASP B 327 37.50 -10.08 7.82
CA ASP B 327 37.52 -8.69 8.21
C ASP B 327 36.24 -7.98 7.80
N LYS B 328 35.86 -6.93 8.53
CA LYS B 328 34.63 -6.21 8.26
C LYS B 328 34.41 -5.83 6.77
N SER B 329 35.51 -5.61 6.04
CA SER B 329 35.42 -5.24 4.63
C SER B 329 35.35 -6.42 3.64
N GLN B 330 35.24 -7.63 4.18
CA GLN B 330 35.11 -8.83 3.36
C GLN B 330 33.67 -9.35 3.33
N ILE B 331 32.76 -8.68 4.03
CA ILE B 331 31.33 -9.00 3.93
C ILE B 331 30.68 -8.20 2.77
N HIS B 332 30.33 -8.93 1.70
CA HIS B 332 29.77 -8.33 0.49
C HIS B 332 28.31 -7.83 0.65
N ASP B 333 27.48 -8.58 1.35
CA ASP B 333 26.06 -8.23 1.57
C ASP B 333 25.63 -8.27 3.05
N ILE B 334 24.93 -7.26 3.52
CA ILE B 334 24.28 -7.35 4.82
C ILE B 334 22.75 -7.39 4.66
N VAL B 335 22.08 -8.14 5.56
CA VAL B 335 20.66 -8.39 5.44
C VAL B 335 19.93 -8.18 6.77
N LEU B 336 19.08 -7.17 6.87
CA LEU B 336 18.26 -7.00 8.08
C LEU B 336 17.08 -7.95 8.08
N VAL B 337 16.87 -8.61 9.21
CA VAL B 337 15.75 -9.52 9.40
C VAL B 337 15.19 -9.24 10.79
N GLY B 338 13.88 -9.45 10.99
CA GLY B 338 13.22 -9.18 12.26
C GLY B 338 12.82 -7.72 12.37
N GLY B 339 11.69 -7.47 13.02
CA GLY B 339 11.09 -6.15 13.08
C GLY B 339 11.81 -5.07 13.85
N SER B 340 12.67 -5.48 14.78
CA SER B 340 13.44 -4.50 15.55
C SER B 340 14.56 -3.84 14.71
N THR B 341 14.83 -4.44 13.55
CA THR B 341 15.87 -3.91 12.67
C THR B 341 15.41 -2.67 11.91
N ARG B 342 14.22 -2.19 12.27
CA ARG B 342 13.61 -1.04 11.62
C ARG B 342 14.02 0.22 12.36
N ILE B 343 14.53 0.05 13.58
CA ILE B 343 15.06 1.12 14.42
C ILE B 343 16.15 1.90 13.69
N PRO B 344 15.84 3.10 13.17
CA PRO B 344 16.84 3.87 12.42
C PRO B 344 18.23 3.81 13.05
N LYS B 345 18.31 3.95 14.36
CA LYS B 345 19.58 4.00 15.07
C LYS B 345 20.38 2.70 14.95
N ILE B 346 19.71 1.57 15.14
CA ILE B 346 20.32 0.23 14.98
C ILE B 346 20.91 0.03 13.56
N GLN B 347 20.21 0.55 12.55
CA GLN B 347 20.70 0.53 11.18
C GLN B 347 21.86 1.50 11.02
N LYS B 348 21.65 2.69 11.58
CA LYS B 348 22.64 3.78 11.55
C LYS B 348 23.97 3.27 12.10
N LEU B 349 23.90 2.49 13.17
CA LEU B 349 25.06 1.89 13.83
C LEU B 349 25.71 0.80 12.96
N LEU B 350 24.87 -0.02 12.35
CA LEU B 350 25.31 -1.15 11.55
C LEU B 350 25.92 -0.68 10.25
N GLN B 351 25.24 0.24 9.56
CA GLN B 351 25.78 0.81 8.31
C GLN B 351 27.15 1.50 8.48
N ASP B 352 27.24 2.42 9.44
CA ASP B 352 28.52 3.07 9.74
C ASP B 352 29.58 2.02 10.10
N PHE B 353 29.26 1.07 10.97
CA PHE B 353 30.24 0.02 11.29
C PHE B 353 30.88 -0.58 10.03
N PHE B 354 30.06 -0.84 9.02
CA PHE B 354 30.53 -1.36 7.75
C PHE B 354 30.85 -0.26 6.74
N ASN B 355 30.89 0.99 7.21
CA ASN B 355 31.37 2.09 6.39
C ASN B 355 30.41 2.49 5.27
N GLY B 356 29.20 2.93 5.60
CA GLY B 356 28.28 3.45 4.60
C GLY B 356 27.64 2.43 3.64
N LYS B 357 28.15 1.20 3.66
CA LYS B 357 27.61 0.09 2.87
C LYS B 357 26.09 0.02 3.02
N GLU B 358 25.42 -0.45 1.96
CA GLU B 358 23.95 -0.42 1.93
C GLU B 358 23.38 -1.67 2.58
N LEU B 359 22.20 -1.54 3.14
CA LEU B 359 21.55 -2.68 3.80
C LEU B 359 20.35 -3.24 3.06
N ASN B 360 20.37 -4.54 2.83
CA ASN B 360 19.26 -5.21 2.19
C ASN B 360 18.08 -5.31 3.14
N LYS B 361 17.01 -4.56 2.85
CA LYS B 361 15.84 -4.53 3.74
C LYS B 361 14.52 -4.16 3.07
N SER B 362 14.50 -4.12 1.74
CA SER B 362 13.26 -4.01 0.97
C SER B 362 12.17 -4.87 1.60
N ILE B 363 12.41 -6.18 1.61
CA ILE B 363 11.45 -7.14 2.16
C ILE B 363 11.18 -6.95 3.62
N ASN B 364 9.92 -6.77 3.96
CA ASN B 364 9.49 -6.79 5.34
C ASN B 364 10.26 -7.85 6.12
N PRO B 365 11.14 -7.38 7.03
CA PRO B 365 12.05 -8.12 7.89
C PRO B 365 11.24 -9.06 8.75
N ASP B 366 10.02 -8.61 9.07
CA ASP B 366 9.03 -9.35 9.83
C ASP B 366 8.87 -10.78 9.33
N GLU B 367 9.27 -10.99 8.07
CA GLU B 367 8.85 -12.17 7.31
C GLU B 367 9.78 -12.46 6.12
N ALA B 368 10.97 -11.88 6.17
CA ALA B 368 11.99 -12.18 5.17
C ALA B 368 12.31 -13.68 5.14
N VAL B 369 12.47 -14.30 6.32
CA VAL B 369 12.82 -15.72 6.38
C VAL B 369 11.76 -16.60 5.69
N ALA B 370 10.52 -16.50 6.16
CA ALA B 370 9.42 -17.24 5.56
C ALA B 370 9.40 -17.02 4.06
N TYR B 371 9.73 -15.81 3.63
CA TYR B 371 9.90 -15.49 2.21
C TYR B 371 10.87 -16.47 1.57
N GLY B 372 12.11 -16.47 2.06
CA GLY B 372 13.14 -17.34 1.52
C GLY B 372 12.72 -18.79 1.47
N ALA B 373 12.11 -19.31 2.54
CA ALA B 373 11.66 -20.69 2.58
C ALA B 373 10.59 -20.97 1.52
N ALA B 374 9.73 -20.00 1.26
CA ALA B 374 8.68 -20.20 0.28
C ALA B 374 9.25 -20.22 -1.16
N VAL B 375 10.36 -19.52 -1.36
CA VAL B 375 11.10 -19.59 -2.62
C VAL B 375 11.71 -20.96 -2.81
N GLN B 376 12.19 -21.54 -1.72
CA GLN B 376 12.87 -22.81 -1.80
C GLN B 376 11.87 -23.88 -2.20
N ALA B 377 10.85 -24.09 -1.37
CA ALA B 377 9.81 -25.08 -1.66
C ALA B 377 9.35 -25.01 -3.13
N ALA B 378 9.43 -23.82 -3.73
CA ALA B 378 9.27 -23.66 -5.18
C ALA B 378 10.38 -24.44 -5.86
N ILE B 379 11.59 -23.87 -5.90
CA ILE B 379 12.74 -24.52 -6.52
C ILE B 379 12.76 -26.05 -6.32
N LEU B 380 12.36 -26.53 -5.15
CA LEU B 380 12.38 -27.96 -4.84
C LEU B 380 11.18 -28.76 -5.35
N SER B 381 10.29 -28.11 -6.08
CA SER B 381 9.08 -28.75 -6.59
C SER B 381 8.83 -28.41 -8.08
N GLY B 382 9.89 -27.99 -8.77
CA GLY B 382 9.81 -27.69 -10.19
C GLY B 382 9.33 -26.27 -10.49
N ASP B 383 9.24 -25.47 -9.42
CA ASP B 383 8.71 -24.08 -9.38
C ASP B 383 7.17 -23.98 -9.16
N LYS B 384 6.56 -25.12 -8.79
CA LYS B 384 5.12 -25.28 -8.49
C LYS B 384 4.23 -25.23 -9.74
N ASP B 390 3.35 -15.25 -19.38
CA ASP B 390 3.55 -13.83 -19.62
C ASP B 390 3.95 -13.06 -18.34
N LEU B 391 4.08 -11.74 -18.45
CA LEU B 391 4.31 -10.90 -17.27
C LEU B 391 3.08 -10.05 -16.97
N LEU B 392 2.78 -9.87 -15.69
CA LEU B 392 1.69 -9.02 -15.25
C LEU B 392 1.93 -7.57 -15.64
N LEU B 393 2.97 -6.96 -15.08
CA LEU B 393 3.32 -5.58 -15.31
C LEU B 393 4.66 -5.40 -15.96
N LEU B 394 4.73 -4.48 -16.92
CA LEU B 394 5.96 -4.18 -17.63
C LEU B 394 6.16 -2.68 -17.77
N ASP B 395 7.36 -2.24 -17.44
CA ASP B 395 7.72 -0.83 -17.63
C ASP B 395 7.98 -0.57 -19.09
N VAL B 396 7.45 0.52 -19.60
CA VAL B 396 7.66 0.80 -21.00
C VAL B 396 7.79 2.28 -21.22
N THR B 397 8.03 2.68 -22.47
CA THR B 397 8.31 4.08 -22.78
C THR B 397 7.08 4.76 -23.36
N PRO B 398 6.78 5.96 -22.86
CA PRO B 398 5.62 6.80 -23.18
C PRO B 398 5.66 7.41 -24.58
N LEU B 399 6.84 7.79 -25.04
CA LEU B 399 6.99 8.51 -26.29
C LEU B 399 8.21 8.03 -27.03
N SER B 400 8.08 7.96 -28.36
CA SER B 400 9.19 7.64 -29.24
C SER B 400 10.34 8.57 -28.95
N LEU B 401 11.53 7.99 -28.80
CA LEU B 401 12.74 8.77 -28.62
C LEU B 401 13.64 8.68 -29.87
N GLY B 402 14.28 9.78 -30.22
CA GLY B 402 15.19 9.78 -31.34
C GLY B 402 16.04 11.04 -31.41
N ILE B 403 16.87 11.15 -32.45
CA ILE B 403 17.65 12.37 -32.66
C ILE B 403 17.24 13.10 -33.91
N GLU B 404 17.74 14.31 -34.08
CA GLU B 404 17.52 15.08 -35.30
C GLU B 404 18.55 14.75 -36.37
N THR B 405 18.09 14.76 -37.61
CA THR B 405 18.86 14.36 -38.78
C THR B 405 18.89 15.50 -39.78
N ALA B 406 19.78 15.46 -40.77
CA ALA B 406 19.75 16.47 -41.82
C ALA B 406 18.33 16.77 -42.32
N GLY B 407 17.82 17.92 -41.94
CA GLY B 407 16.57 18.42 -42.47
C GLY B 407 15.68 19.02 -41.40
N GLY B 408 16.01 18.68 -40.15
CA GLY B 408 15.09 18.85 -39.05
C GLY B 408 14.21 17.60 -38.96
N VAL B 409 14.60 16.53 -39.65
CA VAL B 409 13.86 15.29 -39.48
C VAL B 409 14.10 14.66 -38.12
N MET B 410 13.14 13.85 -37.72
CA MET B 410 13.26 13.06 -36.49
C MET B 410 13.56 11.66 -36.91
N THR B 411 14.71 11.15 -36.52
CA THR B 411 15.00 9.75 -36.77
C THR B 411 14.93 9.01 -35.45
N VAL B 412 14.02 8.03 -35.39
CA VAL B 412 13.72 7.37 -34.13
C VAL B 412 14.81 6.35 -33.82
N LEU B 413 15.20 6.24 -32.56
CA LEU B 413 16.12 5.19 -32.10
C LEU B 413 15.35 4.16 -31.28
N ILE B 414 14.38 4.65 -30.52
CA ILE B 414 13.51 3.85 -29.65
C ILE B 414 12.01 4.16 -29.87
N LYS B 415 11.33 3.21 -30.51
CA LYS B 415 9.91 3.31 -30.78
C LYS B 415 9.17 3.45 -29.47
N ARG B 416 8.13 4.28 -29.49
CA ARG B 416 7.24 4.39 -28.33
C ARG B 416 6.78 3.01 -27.87
N ASN B 417 6.51 2.90 -26.58
CA ASN B 417 6.01 1.67 -25.99
C ASN B 417 6.97 0.50 -26.17
N THR B 418 8.26 0.81 -26.12
CA THR B 418 9.30 -0.22 -26.07
C THR B 418 9.49 -0.72 -24.64
N THR B 419 9.65 -2.04 -24.50
CA THR B 419 9.96 -2.63 -23.21
C THR B 419 11.29 -2.09 -22.73
N ILE B 420 11.21 -1.54 -21.54
CA ILE B 420 12.30 -0.90 -20.83
C ILE B 420 13.47 -1.93 -20.68
N PRO B 421 14.32 -1.83 -19.62
CA PRO B 421 15.77 -2.03 -19.86
C PRO B 421 16.14 -2.25 -21.35
N THR B 422 16.45 -1.18 -22.08
CA THR B 422 16.64 -1.34 -23.52
C THR B 422 17.91 -0.68 -24.02
N LYS B 423 18.46 -1.22 -25.09
CA LYS B 423 19.62 -0.61 -25.73
C LYS B 423 19.47 -0.66 -27.25
N GLN B 424 19.65 0.49 -27.87
CA GLN B 424 19.44 0.61 -29.31
C GLN B 424 20.53 1.47 -29.93
N THR B 425 20.96 1.07 -31.12
CA THR B 425 22.13 1.65 -31.73
C THR B 425 21.92 1.71 -33.21
N GLN B 426 22.21 2.85 -33.81
CA GLN B 426 22.07 2.98 -35.25
C GLN B 426 23.26 3.75 -35.78
N THR B 427 23.85 3.27 -36.84
CA THR B 427 25.01 3.96 -37.37
C THR B 427 24.56 5.18 -38.19
N PHE B 428 25.12 6.35 -37.91
CA PHE B 428 24.86 7.52 -38.76
C PHE B 428 26.16 7.91 -39.49
N THR B 429 26.06 8.94 -40.32
CA THR B 429 27.19 9.42 -41.12
C THR B 429 27.22 10.93 -41.06
N THR B 430 28.16 11.55 -41.77
CA THR B 430 28.28 13.00 -41.77
C THR B 430 27.54 13.65 -42.96
N TYR B 431 27.15 14.92 -42.79
CA TYR B 431 26.33 15.63 -43.79
C TYR B 431 27.09 16.45 -44.86
N SER B 432 28.10 17.20 -44.44
CA SER B 432 29.02 17.87 -45.35
C SER B 432 30.36 17.14 -45.36
N ASP B 433 31.33 17.66 -46.10
CA ASP B 433 32.65 17.01 -46.17
C ASP B 433 33.59 17.62 -45.15
N ASN B 434 34.68 16.89 -44.89
CA ASN B 434 35.69 17.32 -43.92
C ASN B 434 34.96 17.80 -42.68
N GLN B 435 33.84 17.15 -42.37
CA GLN B 435 33.04 17.53 -41.21
C GLN B 435 33.78 17.08 -39.95
N PRO B 436 34.11 18.06 -39.08
CA PRO B 436 34.88 17.94 -37.84
C PRO B 436 34.13 17.13 -36.80
N GLY B 437 32.88 17.53 -36.55
CA GLY B 437 32.05 16.91 -35.54
C GLY B 437 30.56 17.01 -35.82
N VAL B 438 29.79 16.18 -35.12
CA VAL B 438 28.34 16.08 -35.27
C VAL B 438 27.62 16.69 -34.06
N LEU B 439 26.40 17.18 -34.26
CA LEU B 439 25.56 17.63 -33.13
C LEU B 439 24.35 16.74 -32.90
N ILE B 440 24.49 15.92 -31.86
CA ILE B 440 23.42 15.06 -31.43
C ILE B 440 22.40 15.85 -30.60
N GLN B 441 21.19 15.98 -31.15
CA GLN B 441 20.06 16.57 -30.45
C GLN B 441 19.02 15.47 -30.22
N VAL B 442 18.79 15.13 -28.95
CA VAL B 442 17.81 14.11 -28.58
C VAL B 442 16.37 14.65 -28.49
N TYR B 443 15.46 14.08 -29.28
CA TYR B 443 14.06 14.53 -29.30
C TYR B 443 13.07 13.46 -28.86
N GLU B 444 12.01 13.91 -28.19
CA GLU B 444 10.90 13.05 -27.83
C GLU B 444 9.66 13.60 -28.45
N GLY B 445 8.85 12.73 -29.03
CA GLY B 445 7.65 13.15 -29.72
C GLY B 445 7.32 12.16 -30.81
N GLU B 446 6.10 12.22 -31.34
CA GLU B 446 5.67 11.23 -32.32
C GLU B 446 5.55 11.83 -33.72
N ARG B 447 5.92 13.11 -33.84
CA ARG B 447 5.91 13.79 -35.13
C ARG B 447 7.20 13.46 -35.92
N ALA B 448 7.13 13.54 -37.25
CA ALA B 448 8.28 13.21 -38.08
C ALA B 448 9.22 14.41 -38.24
N MET B 449 8.83 15.55 -37.69
CA MET B 449 9.66 16.76 -37.77
C MET B 449 10.02 17.29 -36.39
N THR B 450 11.30 17.18 -36.04
CA THR B 450 11.82 17.60 -34.74
C THR B 450 11.29 18.99 -34.29
N LYS B 451 10.69 19.73 -35.21
CA LYS B 451 10.13 21.04 -34.89
C LYS B 451 8.77 20.92 -34.17
N ASP B 452 8.18 19.73 -34.25
CA ASP B 452 6.91 19.40 -33.61
C ASP B 452 7.15 18.49 -32.41
N ASN B 453 8.42 18.22 -32.15
CA ASN B 453 8.79 17.41 -31.01
C ASN B 453 9.49 18.22 -29.93
N ASN B 454 9.89 17.55 -28.86
CA ASN B 454 10.39 18.22 -27.69
C ASN B 454 11.88 17.97 -27.53
N LEU B 455 12.70 19.02 -27.52
CA LEU B 455 14.12 18.83 -27.25
C LEU B 455 14.28 18.45 -25.79
N LEU B 456 15.09 17.41 -25.54
CA LEU B 456 15.36 16.90 -24.19
C LEU B 456 16.80 17.12 -23.78
N GLY B 457 17.67 17.34 -24.75
CA GLY B 457 19.09 17.50 -24.46
C GLY B 457 19.97 17.46 -25.70
N LYS B 458 21.19 17.95 -25.56
CA LYS B 458 22.11 17.98 -26.69
C LYS B 458 23.56 17.87 -26.25
N PHE B 459 24.34 17.16 -27.06
CA PHE B 459 25.77 17.16 -26.89
C PHE B 459 26.43 16.98 -28.24
N GLU B 460 27.75 17.09 -28.24
CA GLU B 460 28.58 17.19 -29.44
C GLU B 460 29.61 16.07 -29.48
N LEU B 461 29.77 15.45 -30.64
CA LEU B 461 30.94 14.61 -30.87
C LEU B 461 31.83 15.43 -31.79
N THR B 462 33.03 15.75 -31.34
CA THR B 462 33.94 16.59 -32.12
C THR B 462 35.28 15.90 -32.29
N GLY B 463 35.95 16.18 -33.40
CA GLY B 463 37.22 15.52 -33.61
C GLY B 463 37.04 14.21 -34.32
N ILE B 464 36.19 14.25 -35.34
CA ILE B 464 36.14 13.19 -36.31
C ILE B 464 37.24 13.52 -37.30
N PRO B 465 38.03 12.50 -37.69
CA PRO B 465 39.00 12.62 -38.78
C PRO B 465 38.29 13.20 -39.99
N PRO B 466 38.78 14.34 -40.53
CA PRO B 466 38.03 14.97 -41.62
C PRO B 466 38.04 14.00 -42.79
N ALA B 467 36.88 13.85 -43.42
CA ALA B 467 36.67 12.85 -44.46
C ALA B 467 35.54 13.28 -45.38
N PRO B 468 35.24 12.46 -46.40
CA PRO B 468 34.24 12.94 -47.36
C PRO B 468 32.83 12.71 -46.85
N ARG B 469 32.01 13.76 -46.96
CA ARG B 469 30.57 13.68 -46.76
C ARG B 469 30.02 12.29 -47.10
N GLY B 470 29.85 11.47 -46.07
CA GLY B 470 29.20 10.19 -46.23
C GLY B 470 30.01 9.01 -45.78
N VAL B 471 31.31 9.21 -45.60
CA VAL B 471 32.17 8.12 -45.17
C VAL B 471 32.07 7.79 -43.66
N PRO B 472 32.42 8.77 -42.79
CA PRO B 472 32.55 8.60 -41.34
C PRO B 472 31.40 7.77 -40.74
N GLN B 473 31.74 6.85 -39.81
CA GLN B 473 30.76 5.98 -39.17
C GLN B 473 30.49 6.41 -37.73
N ILE B 474 29.68 7.44 -37.55
CA ILE B 474 29.22 7.83 -36.21
C ILE B 474 28.19 6.83 -35.73
N GLU B 475 28.22 6.49 -34.46
CA GLU B 475 27.38 5.37 -34.01
C GLU B 475 26.59 5.59 -32.71
N VAL B 476 25.51 6.38 -32.80
CA VAL B 476 24.61 6.66 -31.70
C VAL B 476 23.91 5.44 -31.06
N THR B 477 23.88 5.45 -29.72
CA THR B 477 23.16 4.45 -28.94
C THR B 477 22.31 5.10 -27.88
N PHE B 478 21.05 4.67 -27.78
CA PHE B 478 20.17 5.04 -26.66
C PHE B 478 20.15 3.90 -25.62
N ASP B 479 20.37 4.26 -24.35
CA ASP B 479 20.36 3.29 -23.25
C ASP B 479 19.38 3.75 -22.20
N ILE B 480 18.46 2.86 -21.84
CA ILE B 480 17.60 3.07 -20.69
C ILE B 480 17.75 1.92 -19.69
N ASP B 481 18.08 2.26 -18.44
CA ASP B 481 18.12 1.29 -17.35
C ASP B 481 16.70 1.07 -16.80
N ALA B 482 16.56 0.10 -15.88
CA ALA B 482 15.25 -0.24 -15.29
C ALA B 482 14.45 1.00 -14.76
N ASN B 483 15.20 1.99 -14.27
CA ASN B 483 14.65 3.22 -13.68
C ASN B 483 14.14 4.22 -14.70
N GLY B 484 14.48 4.01 -15.97
CA GLY B 484 14.07 4.95 -16.99
C GLY B 484 15.06 6.10 -17.17
N ILE B 485 16.31 5.91 -16.70
CA ILE B 485 17.34 6.89 -16.98
C ILE B 485 17.86 6.65 -18.39
N LEU B 486 18.09 7.74 -19.11
CA LEU B 486 18.44 7.68 -20.52
C LEU B 486 19.81 8.26 -20.80
N ASN B 487 20.75 7.41 -21.21
CA ASN B 487 22.05 7.86 -21.71
C ASN B 487 22.08 7.79 -23.23
N VAL B 488 22.30 8.93 -23.89
CA VAL B 488 22.51 8.94 -25.33
C VAL B 488 23.99 9.13 -25.60
N SER B 489 24.59 8.24 -26.37
CA SER B 489 26.02 8.34 -26.62
C SER B 489 26.40 8.12 -28.08
N ALA B 490 27.24 9.03 -28.59
CA ALA B 490 27.81 8.91 -29.92
C ALA B 490 29.26 8.42 -29.81
N VAL B 491 29.62 7.43 -30.60
CA VAL B 491 31.02 6.98 -30.68
C VAL B 491 31.53 6.96 -32.13
N ASP B 492 32.75 7.47 -32.35
CA ASP B 492 33.40 7.42 -33.68
C ASP B 492 34.00 6.03 -33.87
N LYS B 493 33.51 5.30 -34.86
CA LYS B 493 34.05 3.98 -35.15
C LYS B 493 35.54 4.11 -35.49
N SER B 494 35.83 5.04 -36.38
CA SER B 494 37.18 5.39 -36.82
C SER B 494 38.19 5.55 -35.68
N THR B 495 37.94 6.47 -34.76
CA THR B 495 38.95 6.83 -33.77
C THR B 495 38.75 6.20 -32.37
N GLY B 496 37.49 5.96 -32.01
CA GLY B 496 37.15 5.53 -30.66
C GLY B 496 36.79 6.71 -29.77
N LYS B 497 36.92 7.91 -30.32
CA LYS B 497 36.50 9.13 -29.62
C LYS B 497 35.02 8.99 -29.29
N GLU B 498 34.64 9.35 -28.07
CA GLU B 498 33.28 9.08 -27.61
C GLU B 498 32.78 10.13 -26.63
N ASN B 499 31.57 10.61 -26.85
CA ASN B 499 30.93 11.51 -25.90
C ASN B 499 29.48 11.04 -25.63
N LYS B 500 28.94 11.32 -24.45
CA LYS B 500 27.57 10.93 -24.12
C LYS B 500 26.89 12.03 -23.35
N ILE B 501 25.67 11.75 -22.87
CA ILE B 501 24.95 12.65 -21.97
C ILE B 501 23.90 11.80 -21.26
N THR B 502 23.69 12.08 -19.98
CA THR B 502 22.65 11.40 -19.24
C THR B 502 21.49 12.40 -19.07
N ILE B 503 20.43 12.20 -19.85
CA ILE B 503 19.35 13.19 -19.91
C ILE B 503 18.83 13.47 -18.51
N THR B 504 18.90 14.73 -18.09
CA THR B 504 18.41 15.12 -16.75
C THR B 504 16.90 14.94 -16.62
N ASN B 505 16.40 13.85 -17.19
CA ASN B 505 14.98 13.46 -17.14
C ASN B 505 13.98 14.64 -17.23
N ASP B 506 13.21 14.82 -16.15
CA ASP B 506 12.22 15.90 -15.94
C ASP B 506 10.90 15.27 -15.44
N LYS B 507 10.63 14.02 -15.84
CA LYS B 507 9.35 13.30 -15.58
C LYS B 507 8.46 13.88 -14.46
N GLY B 508 7.38 14.52 -14.91
CA GLY B 508 6.45 15.19 -14.02
C GLY B 508 5.72 16.35 -14.68
N ARG B 509 4.87 16.08 -15.68
CA ARG B 509 4.59 14.75 -16.22
C ARG B 509 3.52 14.85 -17.29
N LEU B 510 3.26 13.74 -17.96
CA LEU B 510 2.16 13.64 -18.91
C LEU B 510 1.41 12.34 -18.65
N SER B 511 0.09 12.40 -18.68
CA SER B 511 -0.75 11.26 -18.34
C SER B 511 -1.32 10.60 -19.59
N LYS B 512 -1.55 9.28 -19.53
CA LYS B 512 -1.90 8.48 -20.70
C LYS B 512 -2.84 9.16 -21.67
N GLU B 513 -3.71 10.02 -21.16
CA GLU B 513 -4.59 10.80 -22.02
C GLU B 513 -3.73 11.67 -22.93
N ASP B 514 -2.90 12.53 -22.31
CA ASP B 514 -1.94 13.38 -23.01
C ASP B 514 -1.24 12.66 -24.17
N ILE B 515 -0.64 11.50 -23.87
CA ILE B 515 0.02 10.70 -24.89
C ILE B 515 -0.96 10.37 -25.99
N GLU B 516 -2.11 9.81 -25.62
CA GLU B 516 -3.12 9.43 -26.60
C GLU B 516 -3.59 10.61 -27.47
N ARG B 517 -3.59 11.82 -26.92
CA ARG B 517 -3.89 13.01 -27.73
C ARG B 517 -2.71 13.44 -28.59
N MET B 518 -1.50 13.19 -28.11
CA MET B 518 -0.28 13.40 -28.89
C MET B 518 -0.22 12.41 -30.04
N VAL B 519 -0.51 11.15 -29.74
CA VAL B 519 -0.46 10.07 -30.73
C VAL B 519 -1.40 10.38 -31.87
N GLN B 520 -2.50 11.03 -31.55
CA GLN B 520 -3.54 11.22 -32.54
C GLN B 520 -3.27 12.41 -33.47
N GLU B 521 -2.85 13.53 -32.90
CA GLU B 521 -2.29 14.62 -33.69
C GLU B 521 -1.31 14.09 -34.75
N ALA B 522 -0.41 13.22 -34.35
CA ALA B 522 0.56 12.61 -35.27
C ALA B 522 -0.08 11.68 -36.30
N GLU B 523 -1.26 11.15 -36.00
CA GLU B 523 -2.01 10.38 -36.97
C GLU B 523 -2.79 11.33 -37.90
N LYS B 524 -3.25 12.45 -37.36
CA LYS B 524 -3.94 13.42 -38.20
C LYS B 524 -3.01 14.14 -39.22
N TYR B 525 -1.70 14.10 -38.99
CA TYR B 525 -0.73 14.73 -39.90
C TYR B 525 0.19 13.77 -40.68
N LYS B 526 0.11 12.47 -40.39
CA LYS B 526 0.83 11.44 -41.12
C LYS B 526 1.11 11.82 -42.57
N ALA B 527 0.09 12.27 -43.28
CA ALA B 527 0.20 12.66 -44.69
C ALA B 527 1.31 13.68 -44.96
N GLU B 528 1.13 14.90 -44.47
CA GLU B 528 2.08 15.97 -44.77
C GLU B 528 3.38 15.89 -43.93
N ASP B 529 3.34 15.19 -42.81
CA ASP B 529 4.55 14.87 -42.08
C ASP B 529 5.40 13.90 -42.89
N GLU B 530 4.78 12.83 -43.37
CA GLU B 530 5.45 11.84 -44.19
C GLU B 530 5.95 12.49 -45.50
N LYS B 531 5.08 13.23 -46.17
CA LYS B 531 5.49 13.97 -47.37
C LYS B 531 6.22 15.26 -46.97
N GLN B 532 7.38 15.09 -46.36
CA GLN B 532 8.20 16.21 -45.98
C GLN B 532 9.59 15.65 -45.75
N ARG B 533 9.63 14.45 -45.21
CA ARG B 533 10.86 13.68 -45.13
C ARG B 533 10.90 12.63 -46.25
N ASP B 534 9.92 12.70 -47.16
CA ASP B 534 9.82 11.79 -48.31
C ASP B 534 10.18 12.56 -49.59
N LYS B 535 10.69 13.77 -49.37
CA LYS B 535 11.26 14.61 -50.43
C LYS B 535 12.74 14.87 -50.17
N VAL B 536 13.15 14.86 -48.90
CA VAL B 536 14.57 14.78 -48.54
C VAL B 536 15.06 13.30 -48.60
N SER B 537 16.37 13.08 -48.65
CA SER B 537 16.91 11.71 -48.70
C SER B 537 18.33 11.58 -48.09
N SER B 538 18.40 11.13 -46.84
CA SER B 538 19.65 10.93 -46.12
C SER B 538 19.39 10.83 -44.61
N LYS B 539 19.92 9.78 -43.97
CA LYS B 539 19.90 9.67 -42.50
C LYS B 539 21.26 9.98 -41.90
N ASN B 540 21.50 11.24 -41.60
CA ASN B 540 22.81 11.65 -41.15
C ASN B 540 22.85 13.04 -40.53
N SER B 541 23.83 13.24 -39.65
CA SER B 541 23.84 14.36 -38.73
C SER B 541 24.71 15.50 -39.26
N LEU B 542 24.38 16.73 -38.90
CA LEU B 542 25.13 17.87 -39.41
C LEU B 542 26.07 18.46 -38.36
N GLU B 543 27.19 19.01 -38.86
CA GLU B 543 28.24 19.64 -38.06
C GLU B 543 27.71 20.73 -37.12
N SER B 544 27.21 20.29 -35.96
CA SER B 544 26.91 21.22 -34.87
C SER B 544 26.17 22.41 -35.45
N TYR B 545 25.45 22.12 -36.52
CA TYR B 545 24.60 23.07 -37.21
C TYR B 545 23.18 22.71 -36.74
N ALA B 546 22.85 23.21 -35.55
CA ALA B 546 21.55 23.00 -34.92
C ALA B 546 20.42 23.64 -35.73
N PHE B 547 19.31 22.91 -35.87
CA PHE B 547 18.07 23.36 -36.54
C PHE B 547 17.94 22.77 -37.94
MG MG C . -16.83 -0.21 4.59
S SO4 D . -8.87 -4.34 11.12
O1 SO4 D . -8.43 -5.56 11.80
O2 SO4 D . -9.60 -3.48 12.04
O3 SO4 D . -9.73 -4.71 9.99
O4 SO4 D . -7.71 -3.60 10.59
S SO4 E . 3.10 -7.52 -0.15
O1 SO4 E . 2.76 -8.82 0.40
O2 SO4 E . 3.21 -6.49 0.89
O3 SO4 E . 2.06 -7.20 -1.12
O4 SO4 E . 4.40 -7.58 -0.84
S SO4 F . -4.57 -11.64 -3.52
O1 SO4 F . -4.91 -13.05 -3.43
O2 SO4 F . -4.34 -11.03 -2.22
O3 SO4 F . -5.69 -10.85 -4.14
O4 SO4 F . -3.35 -11.53 -4.35
BE BEF G . -14.08 -2.35 2.82
F1 BEF G . -13.94 -3.59 2.30
F2 BEF G . -13.34 -1.47 2.08
F3 BEF G . -15.40 -1.99 2.92
PB ADP H . -13.66 -1.10 5.91
O1B ADP H . -15.13 -0.63 5.89
O2B ADP H . -13.29 -1.92 4.69
O3B ADP H . -12.66 -0.03 6.28
PA ADP H . -12.77 -3.58 6.97
O1A ADP H . -13.49 -4.35 5.91
O2A ADP H . -11.30 -3.26 6.87
O3A ADP H . -13.56 -2.16 7.12
O5' ADP H . -13.11 -4.30 8.36
C5' ADP H . -13.00 -3.59 9.58
C4' ADP H . -14.15 -3.97 10.53
O4' ADP H . -14.25 -5.40 10.66
C3' ADP H . -13.92 -3.38 11.91
O3' ADP H . -15.12 -2.80 12.41
C2' ADP H . -13.54 -4.57 12.77
O2' ADP H . -14.11 -4.42 14.07
C1' ADP H . -14.08 -5.78 12.03
N9 ADP H . -13.12 -6.90 12.24
C8 ADP H . -11.80 -6.90 11.97
N7 ADP H . -11.20 -8.07 12.34
C5 ADP H . -12.16 -8.84 12.88
C6 ADP H . -12.24 -10.19 13.48
N6 ADP H . -11.14 -10.96 13.57
N1 ADP H . -13.43 -10.62 13.92
C2 ADP H . -14.53 -9.86 13.84
N3 ADP H . -14.55 -8.62 13.31
C4 ADP H . -13.41 -8.06 12.83
CL CL I . 31.95 -11.09 -5.13
CL CL J . 15.88 -3.31 30.83
CL CL K . 9.12 -2.33 6.02
MG MG L . 13.85 -16.96 16.47
S SO4 M . -1.58 -0.08 16.77
O1 SO4 M . -1.06 -0.26 18.13
O2 SO4 M . -2.84 0.63 16.83
O3 SO4 M . -1.75 -1.39 16.14
O4 SO4 M . -0.66 0.76 15.98
PB ADP N . 8.83 -11.46 16.65
O1B ADP N . 7.55 -10.74 16.17
O2B ADP N . 9.19 -11.28 18.13
O3B ADP N . 8.93 -12.85 16.07
PA ADP N . 9.82 -9.74 14.64
O1A ADP N . 8.59 -10.22 13.92
O2A ADP N . 11.12 -9.67 13.95
O3A ADP N . 10.07 -10.72 15.89
O5' ADP N . 9.49 -8.30 15.33
C5' ADP N . 8.95 -8.15 16.66
C4' ADP N . 9.39 -6.89 17.37
O4' ADP N . 9.81 -5.92 16.41
C3' ADP N . 8.33 -6.27 18.27
O3' ADP N . 8.71 -6.16 19.64
C2' ADP N . 8.17 -4.86 17.77
O2' ADP N . 8.15 -3.89 18.82
C1' ADP N . 9.37 -4.65 16.89
N9 ADP N . 9.02 -3.78 15.78
C8 ADP N . 8.14 -4.03 14.80
N7 ADP N . 8.10 -2.93 13.97
C5 ADP N . 8.94 -2.00 14.41
C6 ADP N . 9.37 -0.63 14.02
N6 ADP N . 8.89 0.02 12.94
N1 ADP N . 10.28 -0.06 14.82
C2 ADP N . 10.80 -0.63 15.91
N3 ADP N . 10.46 -1.86 16.30
C4 ADP N . 9.55 -2.58 15.62
#